data_3N05
#
_entry.id   3N05
#
_cell.length_a   100.628
_cell.length_b   108.771
_cell.length_c   126.643
_cell.angle_alpha   90.00
_cell.angle_beta   90.00
_cell.angle_gamma   90.00
#
_symmetry.space_group_name_H-M   'P 21 21 21'
#
loop_
_entity.id
_entity.type
_entity.pdbx_description
1 polymer 'NH(3)-dependent NAD(+) synthetase'
2 non-polymer 'SULFATE ION'
3 water water
#
_entity_poly.entity_id   1
_entity_poly.type   'polypeptide(L)'
_entity_poly.pdbx_seq_one_letter_code
;MSLQLRLALNQIDSTVGDIAGNAEAILRWTRHSAEQGAHLVAFPEMALTGYPVEDLALRSSFVEASRTALRELAARLAEE
GFGELPVLVGYLDRSESAQPKYGQPAGAPRNAAAVLHRGRVALTFAKHHLPNYGVFDEFRYFVPGDTMPIVRLHGVDIAL
AICEDLWQDGGRVPAARSAGAGLLLSVNASPYERDKDDTRLELVRKRAQEAGCTTAYLAMIGGQDELVFDGDSIVVDRDG
EVVARAPQFSEGCVVLDLDLPAAEAEPPTGVVDDGLRIDRLVISEEPLPAYEAELAGGYADRLDADEEVYSALVVGLRAY
VAKNGFRSVLIGLSGGIDSALVAAIACDALGAQNVYGVSMPSKYSSDHSKGDAAELARRTGLNFRTVSIEPMFDAYMASL
GLTGLAEENLQSRLRGTTLMAISNQEGHIVLAPGNKSELAVGYSTLYGDSVGAYGPIKDVYKTSIFRLAEWRNRAAAERG
QTPPIPEASITKPPSAELRPGQVDTDSLPDYPVLDAILELYVDRDTGADAIVAAGYDRELVVKTLRMVDTAEYKRRQYPP
GTKISAKGFGKDRRLPITNRWREGHHHHHH
;
_entity_poly.pdbx_strand_id   A,B
#
# COMPACT_ATOMS: atom_id res chain seq x y z
N SER A 2 6.93 11.34 -50.33
CA SER A 2 6.62 12.25 -49.19
C SER A 2 7.87 12.63 -48.39
N LEU A 3 7.70 13.53 -47.41
CA LEU A 3 8.80 14.09 -46.61
C LEU A 3 9.52 13.06 -45.75
N GLN A 4 10.80 13.28 -45.55
CA GLN A 4 11.63 12.35 -44.78
C GLN A 4 12.26 13.03 -43.57
N LEU A 5 12.51 12.22 -42.54
CA LEU A 5 12.99 12.69 -41.25
C LEU A 5 13.76 11.57 -40.58
N ARG A 6 14.81 11.90 -39.84
CA ARG A 6 15.56 10.88 -39.10
C ARG A 6 15.37 11.05 -37.59
N LEU A 7 14.72 10.05 -36.99
CA LEU A 7 14.35 10.09 -35.59
C LEU A 7 15.24 9.16 -34.78
N ALA A 8 15.77 9.69 -33.67
CA ALA A 8 16.52 8.88 -32.71
C ALA A 8 15.71 8.70 -31.43
N LEU A 9 15.51 7.44 -31.06
CA LEU A 9 14.77 7.06 -29.87
C LEU A 9 15.72 6.38 -28.93
N ASN A 10 15.89 6.93 -27.72
CA ASN A 10 16.90 6.44 -26.78
C ASN A 10 16.35 5.70 -25.56
N GLN A 11 16.37 4.37 -25.65
CA GLN A 11 15.80 3.47 -24.66
C GLN A 11 16.81 3.35 -23.51
N ILE A 12 16.71 4.25 -22.55
CA ILE A 12 17.73 4.36 -21.49
C ILE A 12 17.21 3.98 -20.10
N ASP A 13 18.13 4.00 -19.13
CA ASP A 13 17.86 3.57 -17.78
C ASP A 13 18.16 4.71 -16.83
N SER A 14 17.12 5.29 -16.24
CA SER A 14 17.26 6.33 -15.24
C SER A 14 17.32 5.79 -13.81
N THR A 15 17.77 6.65 -12.90
CA THR A 15 17.84 6.32 -11.51
C THR A 15 16.98 7.32 -10.77
N VAL A 16 16.04 6.78 -9.99
CA VAL A 16 15.09 7.58 -9.23
C VAL A 16 15.86 8.52 -8.30
N GLY A 17 15.59 9.81 -8.48
CA GLY A 17 16.18 10.85 -7.65
C GLY A 17 17.55 11.34 -8.06
N ASP A 18 18.28 10.56 -8.86
CA ASP A 18 19.62 10.98 -9.29
C ASP A 18 19.48 11.93 -10.48
N ILE A 19 19.00 13.14 -10.20
CA ILE A 19 18.63 14.09 -11.24
C ILE A 19 19.84 14.46 -12.10
N ALA A 20 20.93 14.87 -11.46
CA ALA A 20 22.15 15.29 -12.18
C ALA A 20 22.74 14.17 -13.02
N GLY A 21 22.80 12.96 -12.45
CA GLY A 21 23.30 11.78 -13.15
C GLY A 21 22.45 11.39 -14.36
N ASN A 22 21.13 11.53 -14.23
CA ASN A 22 20.21 11.29 -15.34
C ASN A 22 20.39 12.34 -16.44
N ALA A 23 20.60 13.60 -16.06
CA ALA A 23 20.84 14.69 -17.00
C ALA A 23 22.11 14.45 -17.82
N GLU A 24 23.15 13.93 -17.15
CA GLU A 24 24.42 13.61 -17.77
C GLU A 24 24.27 12.55 -18.86
N ALA A 25 23.50 11.50 -18.55
CA ALA A 25 23.24 10.42 -19.48
C ALA A 25 22.43 10.87 -20.71
N ILE A 26 21.46 11.76 -20.49
CA ILE A 26 20.64 12.32 -21.56
C ILE A 26 21.53 13.09 -22.54
N LEU A 27 22.42 13.92 -21.99
CA LEU A 27 23.42 14.64 -22.77
C LEU A 27 24.33 13.69 -23.54
N ARG A 28 24.82 12.66 -22.84
CA ARG A 28 25.72 11.67 -23.41
C ARG A 28 25.08 10.90 -24.57
N TRP A 29 23.79 10.58 -24.43
CA TRP A 29 23.05 9.86 -25.46
C TRP A 29 22.61 10.77 -26.62
N THR A 30 22.44 12.06 -26.33
CA THR A 30 22.05 13.03 -27.38
C THR A 30 23.20 13.27 -28.37
N ARG A 31 24.41 13.44 -27.84
CA ARG A 31 25.63 13.57 -28.63
CA ARG A 31 25.62 13.57 -28.64
C ARG A 31 25.77 12.36 -29.55
N HIS A 32 25.55 11.17 -28.98
CA HIS A 32 25.60 9.89 -29.67
C HIS A 32 24.51 9.78 -30.75
N SER A 33 23.40 10.48 -30.55
CA SER A 33 22.31 10.50 -31.51
C SER A 33 22.56 11.48 -32.65
N ALA A 34 23.09 12.66 -32.32
CA ALA A 34 23.37 13.72 -33.28
C ALA A 34 24.41 13.30 -34.33
N GLU A 35 25.37 12.50 -33.89
CA GLU A 35 26.40 11.89 -34.73
C GLU A 35 25.84 11.01 -35.85
N GLN A 36 24.67 10.41 -35.60
CA GLN A 36 24.04 9.53 -36.59
C GLN A 36 23.06 10.27 -37.50
N GLY A 37 23.05 11.60 -37.40
CA GLY A 37 22.33 12.45 -38.32
C GLY A 37 20.86 12.63 -38.00
N ALA A 38 20.53 12.47 -36.71
CA ALA A 38 19.16 12.54 -36.23
C ALA A 38 18.63 13.97 -36.24
N HIS A 39 17.36 14.11 -36.58
CA HIS A 39 16.70 15.41 -36.64
C HIS A 39 15.86 15.68 -35.40
N LEU A 40 15.48 14.59 -34.73
CA LEU A 40 14.73 14.66 -33.47
C LEU A 40 15.28 13.58 -32.55
N VAL A 41 15.44 13.93 -31.27
CA VAL A 41 15.96 13.00 -30.27
C VAL A 41 14.93 12.85 -29.16
N ALA A 42 14.59 11.62 -28.80
CA ALA A 42 13.57 11.39 -27.77
C ALA A 42 14.09 10.57 -26.60
N PHE A 43 13.60 10.87 -25.40
CA PHE A 43 13.92 10.15 -24.16
C PHE A 43 12.64 9.74 -23.42
N PRO A 44 12.68 8.65 -22.61
CA PRO A 44 11.41 8.12 -22.08
C PRO A 44 10.66 9.00 -21.08
N GLU A 45 9.42 8.62 -20.79
CA GLU A 45 8.65 9.14 -19.66
C GLU A 45 9.51 9.31 -18.41
N MET A 46 9.51 10.53 -17.87
CA MET A 46 10.06 10.85 -16.57
C MET A 46 11.56 10.49 -16.44
N ALA A 47 12.28 10.54 -17.57
CA ALA A 47 13.70 10.17 -17.66
C ALA A 47 14.66 11.03 -16.85
N LEU A 48 14.33 12.30 -16.67
CA LEU A 48 15.16 13.19 -15.87
C LEU A 48 15.17 12.80 -14.37
N THR A 49 14.03 12.38 -13.86
CA THR A 49 13.88 12.11 -12.43
C THR A 49 13.98 10.63 -12.08
N GLY A 50 13.53 9.77 -12.99
CA GLY A 50 13.41 8.33 -12.72
C GLY A 50 11.95 8.00 -12.53
N TYR A 51 11.61 6.72 -12.49
CA TYR A 51 10.21 6.28 -12.38
C TYR A 51 10.11 4.88 -11.74
N PRO A 52 9.11 4.65 -10.87
CA PRO A 52 8.16 5.55 -10.24
C PRO A 52 8.78 6.27 -9.07
N VAL A 53 8.44 7.53 -8.95
CA VAL A 53 9.12 8.38 -8.00
C VAL A 53 8.34 8.52 -6.68
N GLU A 54 7.11 8.04 -6.68
CA GLU A 54 6.25 7.93 -5.49
C GLU A 54 6.06 9.26 -4.77
N ASP A 55 6.21 9.29 -3.43
CA ASP A 55 5.91 10.51 -2.67
C ASP A 55 6.88 11.66 -2.86
N LEU A 56 7.97 11.40 -3.57
CA LEU A 56 8.90 12.45 -3.97
C LEU A 56 8.24 13.41 -4.98
N ALA A 57 7.07 13.04 -5.50
CA ALA A 57 6.29 13.91 -6.38
C ALA A 57 5.49 14.94 -5.60
N LEU A 58 5.33 14.69 -4.29
CA LEU A 58 4.57 15.57 -3.42
C LEU A 58 5.45 16.62 -2.70
N ARG A 59 6.70 16.76 -3.12
CA ARG A 59 7.64 17.66 -2.48
C ARG A 59 8.05 18.76 -3.43
N SER A 60 7.95 20.01 -2.98
CA SER A 60 8.30 21.15 -3.81
C SER A 60 9.77 21.14 -4.21
N SER A 61 10.62 20.61 -3.34
CA SER A 61 12.06 20.68 -3.53
C SER A 61 12.51 19.80 -4.67
N PHE A 62 11.88 18.63 -4.78
CA PHE A 62 12.18 17.69 -5.87
C PHE A 62 11.58 18.13 -7.18
N VAL A 63 10.37 18.70 -7.13
CA VAL A 63 9.74 19.25 -8.31
C VAL A 63 10.59 20.41 -8.83
N GLU A 64 11.03 21.29 -7.92
CA GLU A 64 11.89 22.41 -8.32
C GLU A 64 13.25 21.97 -8.85
N ALA A 65 13.82 20.94 -8.22
CA ALA A 65 15.07 20.37 -8.70
C ALA A 65 14.89 19.79 -10.10
N SER A 66 13.76 19.14 -10.33
CA SER A 66 13.39 18.60 -11.64
C SER A 66 13.25 19.72 -12.68
N ARG A 67 12.52 20.76 -12.30
CA ARG A 67 12.27 21.92 -13.15
C ARG A 67 13.53 22.68 -13.54
N THR A 68 14.36 23.01 -12.55
CA THR A 68 15.63 23.71 -12.77
C THR A 68 16.59 22.95 -13.68
N ALA A 69 16.69 21.64 -13.44
CA ALA A 69 17.61 20.79 -14.19
C ALA A 69 17.22 20.62 -15.66
N LEU A 70 15.91 20.66 -15.93
CA LEU A 70 15.41 20.63 -17.29
C LEU A 70 15.84 21.89 -18.04
N ARG A 71 15.67 23.03 -17.39
CA ARG A 71 16.14 24.32 -17.92
C ARG A 71 17.66 24.30 -18.17
N GLU A 72 18.42 23.78 -17.20
CA GLU A 72 19.87 23.69 -17.32
C GLU A 72 20.34 22.72 -18.40
N LEU A 73 19.55 21.65 -18.62
CA LEU A 73 19.88 20.67 -19.64
C LEU A 73 19.63 21.22 -21.05
N ALA A 74 18.55 21.98 -21.19
CA ALA A 74 18.25 22.70 -22.43
C ALA A 74 19.38 23.67 -22.79
N ALA A 75 19.88 24.39 -21.79
CA ALA A 75 20.97 25.35 -21.96
C ALA A 75 22.31 24.65 -22.23
N ARG A 76 22.53 23.52 -21.57
CA ARG A 76 23.75 22.73 -21.77
C ARG A 76 23.78 22.10 -23.17
N LEU A 77 22.60 21.79 -23.71
CA LEU A 77 22.45 21.26 -25.06
C LEU A 77 22.93 22.25 -26.12
N ALA A 78 22.50 23.51 -26.00
CA ALA A 78 22.85 24.58 -26.92
C ALA A 78 24.31 25.00 -26.82
N GLU A 79 24.81 25.00 -25.59
CA GLU A 79 26.22 25.29 -25.28
C GLU A 79 27.15 24.24 -25.88
N GLU A 80 26.66 23.00 -25.99
CA GLU A 80 27.38 21.92 -26.63
C GLU A 80 27.19 21.92 -28.15
N GLY A 81 26.31 22.80 -28.64
CA GLY A 81 26.05 22.96 -30.06
C GLY A 81 24.95 22.05 -30.59
N PHE A 82 23.91 21.85 -29.78
CA PHE A 82 22.72 21.09 -30.19
C PHE A 82 21.47 21.96 -30.03
N GLY A 83 21.67 23.27 -30.07
CA GLY A 83 20.59 24.24 -29.92
C GLY A 83 19.59 24.26 -31.07
N GLU A 84 19.99 23.75 -32.22
CA GLU A 84 19.10 23.63 -33.37
C GLU A 84 18.41 22.25 -33.39
N LEU A 85 18.85 21.37 -32.49
CA LEU A 85 18.33 20.00 -32.42
C LEU A 85 17.29 19.84 -31.31
N PRO A 86 16.03 19.58 -31.68
CA PRO A 86 14.95 19.40 -30.72
C PRO A 86 15.07 18.06 -29.98
N VAL A 87 15.03 18.12 -28.65
CA VAL A 87 15.15 16.94 -27.81
C VAL A 87 13.95 16.85 -26.87
N LEU A 88 13.26 15.71 -26.90
CA LEU A 88 12.08 15.51 -26.07
C LEU A 88 12.45 14.71 -24.82
N VAL A 89 12.18 15.30 -23.65
CA VAL A 89 12.66 14.77 -22.36
C VAL A 89 11.51 14.66 -21.36
N GLY A 90 11.32 13.47 -20.80
CA GLY A 90 10.36 13.28 -19.71
C GLY A 90 10.91 13.85 -18.42
N TYR A 91 10.03 14.39 -17.57
CA TYR A 91 10.44 15.02 -16.30
C TYR A 91 9.25 15.26 -15.38
N LEU A 92 9.50 15.76 -14.18
CA LEU A 92 8.38 16.07 -13.29
C LEU A 92 8.13 17.58 -13.16
N ASP A 93 6.87 17.98 -13.25
CA ASP A 93 6.49 19.37 -13.13
C ASP A 93 5.34 19.50 -12.13
N ARG A 94 4.79 20.73 -12.01
CA ARG A 94 3.61 20.97 -11.19
C ARG A 94 2.71 22.04 -11.80
N SER A 95 1.43 22.01 -11.44
CA SER A 95 0.50 23.06 -11.81
C SER A 95 0.66 24.23 -10.85
N GLU A 96 0.81 25.42 -11.40
CA GLU A 96 0.89 26.65 -10.60
C GLU A 96 -0.46 27.00 -9.99
N SER A 97 -1.50 26.96 -10.83
CA SER A 97 -2.86 27.29 -10.43
C SER A 97 -3.49 26.22 -9.53
N ALA A 98 -4.56 26.61 -8.84
CA ALA A 98 -5.46 25.63 -8.25
C ALA A 98 -6.21 24.99 -9.40
N GLN A 99 -6.68 23.77 -9.22
CA GLN A 99 -7.38 23.07 -10.29
C GLN A 99 -8.87 22.93 -10.02
N PRO A 100 -9.70 23.77 -10.67
CA PRO A 100 -11.15 23.64 -10.52
C PRO A 100 -11.71 22.44 -11.30
N LYS A 101 -11.13 22.16 -12.46
CA LYS A 101 -11.66 21.16 -13.40
C LYS A 101 -11.47 19.72 -12.91
N TYR A 102 -10.51 19.51 -12.02
CA TYR A 102 -10.21 18.17 -11.51
C TYR A 102 -10.34 18.00 -10.01
N GLY A 103 -10.19 19.09 -9.26
CA GLY A 103 -10.23 19.03 -7.81
C GLY A 103 -8.85 18.75 -7.23
N GLN A 104 -7.87 19.52 -7.70
CA GLN A 104 -6.51 19.44 -7.19
C GLN A 104 -6.07 20.81 -6.66
N PRO A 105 -5.36 20.83 -5.52
CA PRO A 105 -4.98 22.09 -4.90
C PRO A 105 -3.84 22.85 -5.58
N ALA A 106 -3.11 23.66 -4.82
CA ALA A 106 -1.93 24.36 -5.32
C ALA A 106 -0.72 23.44 -5.33
N GLY A 107 0.06 23.51 -6.42
CA GLY A 107 1.28 22.73 -6.56
C GLY A 107 1.08 21.23 -6.62
N ALA A 108 0.04 20.77 -7.30
CA ALA A 108 -0.15 19.35 -7.57
C ALA A 108 0.79 18.95 -8.71
N PRO A 109 1.43 17.77 -8.60
CA PRO A 109 2.41 17.39 -9.60
C PRO A 109 1.81 16.99 -10.95
N ARG A 110 2.59 17.21 -12.00
CA ARG A 110 2.22 16.66 -13.30
C ARG A 110 3.36 15.86 -13.90
N ASN A 111 3.02 14.69 -14.43
CA ASN A 111 3.92 13.83 -15.19
C ASN A 111 4.07 14.44 -16.57
N ALA A 112 5.20 15.12 -16.79
CA ALA A 112 5.36 15.99 -17.94
C ALA A 112 6.48 15.56 -18.87
N ALA A 113 6.50 16.19 -20.03
CA ALA A 113 7.55 16.01 -21.01
C ALA A 113 7.73 17.33 -21.70
N ALA A 114 8.97 17.65 -22.05
CA ALA A 114 9.25 18.93 -22.64
C ALA A 114 10.15 18.75 -23.85
N VAL A 115 10.04 19.70 -24.78
CA VAL A 115 10.86 19.75 -25.98
C VAL A 115 11.90 20.86 -25.80
N LEU A 116 13.17 20.47 -25.85
CA LEU A 116 14.27 21.39 -25.57
C LEU A 116 14.89 21.90 -26.85
N HIS A 117 14.81 23.21 -27.05
CA HIS A 117 15.28 23.86 -28.26
C HIS A 117 15.75 25.28 -28.00
N ARG A 118 16.81 25.69 -28.73
CA ARG A 118 17.39 27.04 -28.68
C ARG A 118 17.90 27.44 -27.29
N GLY A 119 18.35 26.44 -26.52
CA GLY A 119 18.80 26.66 -25.15
C GLY A 119 17.69 26.93 -24.16
N ARG A 120 16.48 26.51 -24.52
CA ARG A 120 15.29 26.79 -23.72
C ARG A 120 14.32 25.63 -23.75
N VAL A 121 13.30 25.71 -22.89
CA VAL A 121 12.19 24.79 -22.92
C VAL A 121 11.14 25.36 -23.86
N ALA A 122 11.02 24.77 -25.04
CA ALA A 122 10.18 25.30 -26.11
C ALA A 122 8.70 24.94 -25.96
N LEU A 123 8.43 23.71 -25.52
CA LEU A 123 7.06 23.23 -25.35
C LEU A 123 6.95 22.35 -24.11
N THR A 124 5.84 22.47 -23.39
CA THR A 124 5.59 21.67 -22.21
C THR A 124 4.16 21.14 -22.21
N PHE A 125 4.03 19.83 -22.28
CA PHE A 125 2.76 19.19 -22.09
C PHE A 125 2.87 18.16 -20.95
N ALA A 126 1.74 17.60 -20.55
CA ALA A 126 1.71 16.64 -19.45
C ALA A 126 0.73 15.52 -19.75
N LYS A 127 1.03 14.33 -19.23
CA LYS A 127 0.18 13.15 -19.38
C LYS A 127 -1.29 13.50 -19.15
N HIS A 128 -2.15 13.10 -20.09
CA HIS A 128 -3.56 13.44 -20.06
C HIS A 128 -4.40 12.37 -19.38
N HIS A 129 -4.19 11.12 -19.77
CA HIS A 129 -4.96 10.02 -19.20
C HIS A 129 -4.22 9.39 -18.02
N LEU A 130 -4.84 9.43 -16.85
CA LEU A 130 -4.28 8.85 -15.63
C LEU A 130 -5.28 7.83 -15.08
N PRO A 131 -5.07 6.54 -15.40
CA PRO A 131 -6.06 5.50 -15.14
C PRO A 131 -6.31 5.17 -13.67
N ASN A 132 -7.49 4.62 -13.41
CA ASN A 132 -7.89 4.16 -12.09
C ASN A 132 -7.10 2.91 -11.72
N TYR A 133 -7.03 1.98 -12.66
CA TYR A 133 -6.28 0.73 -12.55
C TYR A 133 -4.76 0.94 -12.79
N GLY A 134 -4.00 -0.14 -12.74
CA GLY A 134 -2.54 -0.08 -12.90
C GLY A 134 -1.82 -0.15 -11.55
N VAL A 135 -0.54 0.22 -11.55
CA VAL A 135 0.27 0.21 -10.32
C VAL A 135 0.52 1.61 -9.76
N PHE A 136 0.65 2.59 -10.65
CA PHE A 136 0.98 3.95 -10.25
C PHE A 136 -0.29 4.74 -9.90
N ASP A 137 -0.31 5.29 -8.69
CA ASP A 137 -1.44 6.08 -8.19
C ASP A 137 -1.29 7.56 -8.57
N GLU A 138 -1.09 7.80 -9.86
CA GLU A 138 -0.98 9.14 -10.39
C GLU A 138 -2.36 9.81 -10.40
N PHE A 139 -3.40 8.99 -10.39
CA PHE A 139 -4.78 9.47 -10.38
C PHE A 139 -5.08 10.35 -9.15
N ARG A 140 -4.65 9.88 -7.98
CA ARG A 140 -4.88 10.60 -6.71
C ARG A 140 -4.31 12.01 -6.71
N TYR A 141 -3.07 12.14 -7.16
CA TYR A 141 -2.32 13.35 -6.90
C TYR A 141 -2.00 14.20 -8.11
N PHE A 142 -2.11 13.66 -9.30
CA PHE A 142 -1.57 14.37 -10.46
C PHE A 142 -2.58 15.26 -11.21
N VAL A 143 -2.14 16.45 -11.58
CA VAL A 143 -2.90 17.32 -12.48
C VAL A 143 -2.63 16.85 -13.92
N PRO A 144 -3.69 16.52 -14.68
CA PRO A 144 -3.49 16.06 -16.04
C PRO A 144 -3.19 17.23 -16.98
N GLY A 145 -2.59 16.94 -18.12
CA GLY A 145 -2.44 17.94 -19.17
C GLY A 145 -3.68 17.91 -20.03
N ASP A 146 -4.23 19.08 -20.34
CA ASP A 146 -5.37 19.17 -21.22
C ASP A 146 -4.94 19.92 -22.46
N THR A 147 -4.09 19.26 -23.23
CA THR A 147 -3.33 19.89 -24.29
C THR A 147 -3.05 18.81 -25.34
N MET A 148 -3.12 19.18 -26.62
CA MET A 148 -2.71 18.29 -27.70
C MET A 148 -1.46 18.89 -28.34
N PRO A 149 -0.27 18.45 -27.86
CA PRO A 149 1.02 18.99 -28.28
C PRO A 149 1.39 18.57 -29.71
N ILE A 150 1.65 19.56 -30.56
CA ILE A 150 2.09 19.30 -31.93
C ILE A 150 3.32 20.12 -32.25
N VAL A 151 4.29 19.47 -32.90
CA VAL A 151 5.53 20.11 -33.31
C VAL A 151 5.70 20.06 -34.84
N ARG A 152 5.64 21.24 -35.46
CA ARG A 152 6.04 21.40 -36.85
C ARG A 152 7.55 21.30 -36.92
N LEU A 153 8.04 20.19 -37.44
CA LEU A 153 9.46 20.02 -37.67
C LEU A 153 9.64 19.52 -39.09
N HIS A 154 10.28 20.36 -39.90
CA HIS A 154 10.64 20.06 -41.29
C HIS A 154 9.42 19.79 -42.18
N GLY A 155 8.33 20.49 -41.90
CA GLY A 155 7.09 20.38 -42.67
C GLY A 155 6.13 19.32 -42.17
N VAL A 156 6.55 18.62 -41.11
CA VAL A 156 5.80 17.49 -40.56
C VAL A 156 5.21 17.84 -39.20
N ASP A 157 3.91 17.62 -39.04
CA ASP A 157 3.27 17.70 -37.74
C ASP A 157 3.58 16.43 -36.95
N ILE A 158 4.23 16.60 -35.80
CA ILE A 158 4.55 15.48 -34.92
C ILE A 158 3.76 15.60 -33.63
N ALA A 159 2.93 14.59 -33.36
CA ALA A 159 2.11 14.54 -32.17
C ALA A 159 2.83 13.83 -31.03
N LEU A 160 2.62 14.32 -29.81
CA LEU A 160 3.30 13.77 -28.64
C LEU A 160 2.33 13.24 -27.58
N ALA A 161 2.69 12.14 -26.94
CA ALA A 161 1.88 11.56 -25.86
C ALA A 161 2.78 10.88 -24.82
N ILE A 162 2.22 10.56 -23.66
CA ILE A 162 2.94 9.85 -22.60
C ILE A 162 2.15 8.62 -22.15
N CYS A 163 2.77 7.46 -22.29
CA CYS A 163 2.24 6.16 -21.85
C CYS A 163 0.72 5.99 -21.95
N GLU A 164 0.08 6.09 -20.79
CA GLU A 164 -1.33 5.74 -20.61
C GLU A 164 -2.30 6.58 -21.43
N ASP A 165 -1.80 7.67 -22.03
CA ASP A 165 -2.52 8.39 -23.07
C ASP A 165 -3.05 7.41 -24.11
N LEU A 166 -2.20 6.46 -24.52
CA LEU A 166 -2.56 5.46 -25.52
C LEU A 166 -3.47 4.33 -25.00
N TRP A 167 -3.72 4.29 -23.69
CA TRP A 167 -4.64 3.30 -23.12
C TRP A 167 -6.09 3.78 -23.26
N GLN A 168 -6.26 5.10 -23.33
CA GLN A 168 -7.58 5.71 -23.38
C GLN A 168 -8.21 5.63 -24.76
N ASP A 169 -9.42 5.08 -24.81
CA ASP A 169 -10.25 5.13 -26.01
C ASP A 169 -10.92 6.49 -26.06
N GLY A 170 -10.38 7.38 -26.87
CA GLY A 170 -10.96 8.71 -27.08
C GLY A 170 -10.05 9.87 -26.69
N GLY A 171 -8.80 9.58 -26.38
CA GLY A 171 -7.88 10.59 -25.86
C GLY A 171 -7.03 11.28 -26.90
N ARG A 172 -5.72 11.33 -26.65
CA ARG A 172 -4.75 12.01 -27.53
C ARG A 172 -4.51 11.34 -28.89
N VAL A 173 -4.83 10.06 -29.00
CA VAL A 173 -4.69 9.32 -30.27
C VAL A 173 -5.66 9.80 -31.38
N PRO A 174 -7.00 9.83 -31.10
CA PRO A 174 -7.86 10.45 -32.12
C PRO A 174 -7.71 11.98 -32.18
N ALA A 175 -7.26 12.59 -31.08
CA ALA A 175 -7.01 14.02 -31.07
C ALA A 175 -5.86 14.40 -31.99
N ALA A 176 -4.88 13.49 -32.11
CA ALA A 176 -3.76 13.65 -33.04
C ALA A 176 -4.25 13.64 -34.48
N ARG A 177 -5.26 12.81 -34.75
CA ARG A 177 -5.83 12.63 -36.08
C ARG A 177 -6.47 13.93 -36.59
N SER A 178 -7.32 14.53 -35.75
CA SER A 178 -8.05 15.76 -36.10
C SER A 178 -7.14 16.98 -36.15
N ALA A 179 -5.98 16.87 -35.52
CA ALA A 179 -4.96 17.91 -35.58
C ALA A 179 -4.06 17.70 -36.80
N GLY A 180 -4.22 16.56 -37.46
CA GLY A 180 -3.49 16.25 -38.68
C GLY A 180 -2.04 15.86 -38.46
N ALA A 181 -1.83 14.89 -37.57
CA ALA A 181 -0.49 14.39 -37.28
C ALA A 181 0.03 13.50 -38.40
N GLY A 182 1.34 13.53 -38.60
CA GLY A 182 2.01 12.64 -39.56
C GLY A 182 2.91 11.62 -38.86
N LEU A 183 3.30 11.96 -37.64
CA LEU A 183 4.08 11.07 -36.78
C LEU A 183 3.59 11.20 -35.35
N LEU A 184 3.30 10.07 -34.72
CA LEU A 184 2.94 10.06 -33.31
C LEU A 184 4.11 9.56 -32.47
N LEU A 185 4.65 10.43 -31.63
CA LEU A 185 5.78 10.08 -30.76
C LEU A 185 5.35 9.95 -29.29
N SER A 186 5.36 8.71 -28.78
CA SER A 186 4.89 8.43 -27.43
C SER A 186 6.03 7.98 -26.53
N VAL A 187 6.21 8.67 -25.40
CA VAL A 187 7.27 8.33 -24.44
C VAL A 187 6.75 7.61 -23.20
N ASN A 188 7.44 6.54 -22.80
CA ASN A 188 6.86 5.55 -21.89
C ASN A 188 7.78 5.05 -20.80
N ALA A 189 7.16 4.70 -19.67
CA ALA A 189 7.82 3.92 -18.63
C ALA A 189 6.87 2.79 -18.29
N SER A 190 7.07 1.66 -18.95
CA SER A 190 6.10 0.58 -18.90
C SER A 190 6.65 -0.66 -18.17
N PRO A 191 6.15 -0.94 -16.95
CA PRO A 191 6.69 -2.04 -16.14
C PRO A 191 6.47 -3.39 -16.81
N TYR A 192 7.47 -4.25 -16.74
CA TYR A 192 7.37 -5.56 -17.36
C TYR A 192 6.28 -6.42 -16.75
N GLU A 193 5.69 -7.27 -17.57
CA GLU A 193 4.60 -8.13 -17.18
C GLU A 193 4.66 -9.33 -18.10
N ARG A 194 4.98 -10.50 -17.54
CA ARG A 194 5.00 -11.76 -18.29
C ARG A 194 3.60 -12.06 -18.84
N ASP A 195 3.56 -12.32 -20.14
CA ASP A 195 2.33 -12.57 -20.87
C ASP A 195 2.77 -13.23 -22.17
N LYS A 196 2.08 -14.30 -22.57
CA LYS A 196 2.42 -14.99 -23.82
C LYS A 196 1.98 -14.19 -25.05
N ASP A 197 0.95 -13.36 -24.89
CA ASP A 197 0.58 -12.38 -25.90
C ASP A 197 1.65 -11.30 -26.05
N ASP A 198 1.70 -10.70 -27.23
CA ASP A 198 2.57 -9.58 -27.49
C ASP A 198 1.66 -8.37 -27.33
N THR A 199 1.53 -7.94 -26.07
CA THR A 199 0.63 -6.85 -25.71
C THR A 199 1.11 -5.50 -26.23
N ARG A 200 2.44 -5.39 -26.33
CA ARG A 200 3.09 -4.19 -26.80
C ARG A 200 2.75 -3.91 -28.27
N LEU A 201 2.94 -4.93 -29.12
CA LEU A 201 2.61 -4.82 -30.54
C LEU A 201 1.13 -4.56 -30.82
N GLU A 202 0.23 -5.25 -30.12
CA GLU A 202 -1.20 -5.09 -30.39
C GLU A 202 -1.76 -3.73 -29.95
N LEU A 203 -1.16 -3.15 -28.91
CA LEU A 203 -1.51 -1.80 -28.48
C LEU A 203 -1.12 -0.76 -29.52
N VAL A 204 0.14 -0.80 -29.96
CA VAL A 204 0.68 0.20 -30.87
C VAL A 204 0.11 0.01 -32.27
N ARG A 205 -0.12 -1.25 -32.67
CA ARG A 205 -0.75 -1.54 -33.95
C ARG A 205 -2.10 -0.83 -34.04
N LYS A 206 -2.97 -1.14 -33.07
CA LYS A 206 -4.33 -0.57 -33.00
C LYS A 206 -4.30 0.94 -33.04
N ARG A 207 -3.44 1.54 -32.23
CA ARG A 207 -3.39 2.99 -32.09
C ARG A 207 -2.74 3.71 -33.27
N ALA A 208 -1.92 3.00 -34.04
CA ALA A 208 -1.32 3.60 -35.25
C ALA A 208 -2.34 3.76 -36.36
N GLN A 209 -3.14 2.71 -36.58
CA GLN A 209 -4.23 2.72 -37.54
C GLN A 209 -5.29 3.71 -37.11
N GLU A 210 -5.54 3.76 -35.80
CA GLU A 210 -6.48 4.70 -35.19
C GLU A 210 -6.07 6.15 -35.39
N ALA A 211 -4.78 6.43 -35.29
CA ALA A 211 -4.26 7.79 -35.49
C ALA A 211 -4.07 8.08 -36.98
N GLY A 212 -3.96 7.03 -37.78
CA GLY A 212 -3.78 7.15 -39.23
C GLY A 212 -2.41 7.66 -39.63
N CYS A 213 -1.41 7.37 -38.80
CA CYS A 213 -0.05 7.82 -39.04
C CYS A 213 0.91 6.85 -38.38
N THR A 214 2.19 6.99 -38.73
CA THR A 214 3.27 6.25 -38.08
C THR A 214 3.30 6.61 -36.59
N THR A 215 3.49 5.59 -35.77
CA THR A 215 3.53 5.78 -34.34
C THR A 215 4.83 5.23 -33.76
N ALA A 216 5.58 6.11 -33.13
CA ALA A 216 6.81 5.72 -32.43
C ALA A 216 6.55 5.65 -30.91
N TYR A 217 6.88 4.49 -30.33
CA TYR A 217 6.67 4.24 -28.90
C TYR A 217 8.05 4.00 -28.27
N LEU A 218 8.52 4.98 -27.51
CA LEU A 218 9.81 4.85 -26.82
C LEU A 218 9.63 4.54 -25.34
N ALA A 219 10.27 3.46 -24.88
CA ALA A 219 10.11 2.97 -23.51
C ALA A 219 11.38 2.91 -22.66
N MET A 220 11.25 3.25 -21.39
CA MET A 220 12.32 3.09 -20.39
C MET A 220 12.77 1.63 -20.25
N ILE A 221 14.02 1.43 -19.82
CA ILE A 221 14.54 0.11 -19.50
C ILE A 221 15.19 0.15 -18.11
N GLY A 222 15.16 -0.96 -17.37
CA GLY A 222 15.84 -1.01 -16.07
C GLY A 222 14.93 -1.35 -14.90
N GLY A 223 15.49 -1.47 -13.71
CA GLY A 223 14.68 -1.80 -12.57
C GLY A 223 14.63 -0.75 -11.52
N GLN A 224 13.49 -0.54 -10.93
CA GLN A 224 13.37 0.37 -9.81
C GLN A 224 12.62 -0.35 -8.72
N ASP A 225 13.29 -0.68 -7.64
CA ASP A 225 12.65 -1.40 -6.57
C ASP A 225 12.01 -2.67 -7.09
N GLU A 226 10.75 -2.86 -6.80
CA GLU A 226 10.04 -4.04 -7.26
C GLU A 226 9.79 -4.17 -8.74
N LEU A 227 9.62 -3.07 -9.43
CA LEU A 227 9.37 -3.10 -10.86
C LEU A 227 10.59 -3.27 -11.75
N VAL A 228 10.37 -3.70 -12.99
CA VAL A 228 11.39 -3.76 -14.03
C VAL A 228 10.78 -3.24 -15.34
N PHE A 229 11.53 -2.40 -16.03
CA PHE A 229 11.10 -1.88 -17.31
C PHE A 229 11.82 -2.64 -18.42
N ASP A 230 11.02 -3.24 -19.29
CA ASP A 230 11.49 -4.21 -20.26
C ASP A 230 12.17 -3.58 -21.48
N GLY A 231 11.99 -2.28 -21.67
CA GLY A 231 12.44 -1.64 -22.90
C GLY A 231 11.45 -1.94 -24.00
N ASP A 232 11.91 -2.67 -25.03
CA ASP A 232 11.08 -3.11 -26.16
C ASP A 232 10.41 -1.95 -26.95
N SER A 233 11.17 -0.88 -27.19
CA SER A 233 10.70 0.24 -28.01
C SER A 233 10.30 -0.23 -29.41
N ILE A 234 9.19 0.29 -29.95
CA ILE A 234 8.76 -0.05 -31.32
C ILE A 234 8.40 1.20 -32.10
N VAL A 235 8.59 1.10 -33.42
CA VAL A 235 7.97 1.99 -34.39
C VAL A 235 7.05 1.12 -35.24
N VAL A 236 5.83 1.60 -35.46
CA VAL A 236 4.84 0.89 -36.26
C VAL A 236 4.17 1.88 -37.21
N ASP A 237 3.98 1.49 -38.47
CA ASP A 237 3.47 2.44 -39.49
C ASP A 237 1.96 2.59 -39.53
N ARG A 238 1.53 3.55 -40.35
CA ARG A 238 0.13 3.88 -40.67
C ARG A 238 -0.83 2.68 -40.76
N ASP A 239 -0.36 1.59 -41.35
CA ASP A 239 -1.19 0.39 -41.56
C ASP A 239 -0.93 -0.73 -40.56
N GLY A 240 -0.09 -0.45 -39.57
CA GLY A 240 0.12 -1.37 -38.45
C GLY A 240 1.27 -2.34 -38.58
N GLU A 241 2.11 -2.13 -39.59
CA GLU A 241 3.26 -2.98 -39.82
C GLU A 241 4.47 -2.45 -39.07
N VAL A 242 5.32 -3.37 -38.62
CA VAL A 242 6.48 -3.04 -37.78
C VAL A 242 7.63 -2.45 -38.60
N VAL A 243 7.93 -1.18 -38.34
CA VAL A 243 9.05 -0.53 -39.00
C VAL A 243 10.37 -0.92 -38.33
N ALA A 244 10.47 -0.68 -37.03
CA ALA A 244 11.64 -1.10 -36.24
C ALA A 244 11.22 -1.52 -34.83
N ARG A 245 12.07 -2.30 -34.16
CA ARG A 245 11.78 -2.81 -32.81
C ARG A 245 13.08 -3.04 -32.02
N ALA A 246 13.15 -2.45 -30.83
CA ALA A 246 14.34 -2.47 -29.96
C ALA A 246 14.40 -3.72 -29.06
N PRO A 247 15.57 -4.05 -28.46
CA PRO A 247 15.56 -5.26 -27.64
C PRO A 247 14.85 -5.13 -26.29
N GLN A 248 14.42 -6.27 -25.78
CA GLN A 248 13.92 -6.37 -24.43
C GLN A 248 15.13 -6.35 -23.51
N PHE A 249 15.03 -5.55 -22.44
CA PHE A 249 15.94 -5.59 -21.28
C PHE A 249 17.39 -5.19 -21.56
N SER A 250 17.58 -4.28 -22.49
CA SER A 250 18.90 -3.73 -22.77
C SER A 250 18.75 -2.28 -23.09
N GLU A 251 19.74 -1.49 -22.68
CA GLU A 251 19.86 -0.12 -23.10
C GLU A 251 20.22 -0.10 -24.59
N GLY A 252 19.69 0.87 -25.32
CA GLY A 252 19.93 0.93 -26.76
C GLY A 252 19.25 2.10 -27.42
N CYS A 253 19.69 2.41 -28.64
CA CYS A 253 19.08 3.48 -29.43
C CYS A 253 18.50 2.93 -30.71
N VAL A 254 17.45 3.58 -31.20
CA VAL A 254 16.88 3.28 -32.50
C VAL A 254 16.88 4.57 -33.32
N VAL A 255 17.80 4.63 -34.28
CA VAL A 255 17.88 5.78 -35.18
C VAL A 255 17.42 5.31 -36.55
N LEU A 256 16.37 5.92 -37.07
CA LEU A 256 15.76 5.45 -38.31
C LEU A 256 15.22 6.58 -39.18
N ASP A 257 15.03 6.28 -40.47
CA ASP A 257 14.46 7.22 -41.42
C ASP A 257 13.03 6.83 -41.75
N LEU A 258 12.16 7.83 -41.79
CA LEU A 258 10.74 7.61 -42.01
C LEU A 258 10.23 8.43 -43.18
N ASP A 259 9.17 7.95 -43.81
CA ASP A 259 8.49 8.68 -44.87
C ASP A 259 7.16 9.17 -44.32
N LEU A 260 7.02 10.49 -44.22
CA LEU A 260 5.93 11.10 -43.49
C LEU A 260 5.19 12.14 -44.32
N PRO A 261 3.84 12.17 -44.25
CA PRO A 261 3.02 13.13 -44.97
C PRO A 261 3.29 14.57 -44.55
N ALA A 262 3.24 15.49 -45.51
CA ALA A 262 3.41 16.91 -45.26
C ALA A 262 2.20 17.43 -44.49
N ALA A 263 2.45 18.41 -43.62
CA ALA A 263 1.37 18.97 -42.82
C ALA A 263 0.61 20.03 -43.59
N GLU A 264 -0.69 20.10 -43.35
CA GLU A 264 -1.59 21.08 -43.96
C GLU A 264 -1.11 22.51 -43.66
N ALA A 265 -0.87 23.28 -44.73
CA ALA A 265 -0.33 24.65 -44.62
C ALA A 265 -1.27 25.60 -43.90
N GLU A 266 -2.55 25.24 -43.86
CA GLU A 266 -3.54 25.92 -43.02
C GLU A 266 -4.09 24.94 -42.00
N PRO A 267 -3.32 24.69 -40.91
CA PRO A 267 -3.60 23.59 -40.00
C PRO A 267 -4.66 23.90 -38.93
N PRO A 268 -5.34 22.86 -38.40
CA PRO A 268 -6.38 23.08 -37.40
C PRO A 268 -5.86 23.67 -36.08
N THR A 269 -6.71 24.41 -35.39
CA THR A 269 -6.39 25.03 -34.10
C THR A 269 -7.50 24.70 -33.07
N GLY A 270 -7.20 24.89 -31.78
CA GLY A 270 -8.22 24.85 -30.72
C GLY A 270 -8.70 23.46 -30.30
N VAL A 271 -9.79 23.42 -29.59
CA VAL A 271 -10.24 22.20 -28.97
C VAL A 271 -10.45 21.08 -29.94
N VAL A 272 -9.98 19.91 -29.55
CA VAL A 272 -10.16 18.72 -30.33
C VAL A 272 -10.85 17.63 -29.55
N ASP A 273 -10.48 16.39 -29.74
CA ASP A 273 -11.31 15.32 -29.30
C ASP A 273 -11.70 15.19 -27.84
N ASP A 274 -10.78 15.28 -26.91
CA ASP A 274 -11.23 15.03 -25.57
C ASP A 274 -11.50 16.33 -24.87
N GLY A 275 -11.24 17.41 -25.57
CA GLY A 275 -11.43 18.75 -25.07
C GLY A 275 -10.08 19.42 -25.04
N LEU A 276 -9.13 18.81 -25.75
CA LEU A 276 -7.74 19.20 -25.72
C LEU A 276 -7.48 20.29 -26.73
N ARG A 277 -6.94 21.41 -26.25
CA ARG A 277 -6.51 22.47 -27.16
C ARG A 277 -5.19 22.10 -27.82
N ILE A 278 -5.09 22.39 -29.11
CA ILE A 278 -3.90 22.12 -29.89
C ILE A 278 -2.82 23.12 -29.49
N ASP A 279 -1.68 22.61 -29.03
CA ASP A 279 -0.53 23.45 -28.72
C ASP A 279 0.51 23.29 -29.81
N ARG A 280 0.50 24.21 -30.78
CA ARG A 280 1.44 24.21 -31.88
C ARG A 280 2.81 24.74 -31.44
N LEU A 281 3.85 24.20 -32.05
CA LEU A 281 5.19 24.74 -31.90
C LEU A 281 5.91 24.51 -33.22
N VAL A 282 6.34 25.60 -33.84
CA VAL A 282 6.87 25.55 -35.20
C VAL A 282 8.38 25.69 -35.19
N ILE A 283 9.09 24.56 -35.19
CA ILE A 283 10.53 24.57 -35.38
C ILE A 283 10.84 24.87 -36.86
N SER A 284 10.34 24.01 -37.75
CA SER A 284 10.51 24.28 -39.18
C SER A 284 9.18 24.12 -39.93
N GLU A 285 8.72 25.24 -40.49
CA GLU A 285 7.57 25.26 -41.38
C GLU A 285 7.99 24.75 -42.75
N GLU A 286 9.24 25.04 -43.11
CA GLU A 286 9.80 24.65 -44.39
C GLU A 286 10.28 23.21 -44.39
N PRO A 287 9.97 22.47 -45.48
CA PRO A 287 10.46 21.10 -45.68
C PRO A 287 11.98 21.04 -45.79
N LEU A 288 12.50 19.89 -45.38
CA LEU A 288 13.92 19.60 -45.34
C LEU A 288 14.40 19.20 -46.74
N PRO A 289 15.62 19.64 -47.14
CA PRO A 289 16.25 19.13 -48.36
C PRO A 289 16.39 17.62 -48.31
N ALA A 290 16.04 16.96 -49.42
CA ALA A 290 16.06 15.51 -49.53
C ALA A 290 17.46 14.91 -49.37
N TYR A 291 17.51 13.71 -48.80
CA TYR A 291 18.75 13.03 -48.48
C TYR A 291 18.58 11.51 -48.58
N GLU A 292 19.70 10.79 -48.52
CA GLU A 292 19.71 9.33 -48.62
C GLU A 292 19.20 8.62 -47.36
N ALA A 293 18.00 8.04 -47.45
CA ALA A 293 17.37 7.32 -46.34
C ALA A 293 17.94 5.91 -46.17
N GLU A 294 19.13 5.82 -45.60
CA GLU A 294 19.85 4.55 -45.46
C GLU A 294 19.45 3.70 -44.24
N LEU A 295 18.86 4.35 -43.23
CA LEU A 295 18.63 3.70 -41.93
C LEU A 295 17.18 3.31 -41.68
N ALA A 296 16.97 2.04 -41.34
CA ALA A 296 15.63 1.50 -41.12
C ALA A 296 15.39 1.07 -39.66
N GLY A 297 16.43 1.07 -38.83
CA GLY A 297 16.30 0.79 -37.40
C GLY A 297 16.55 -0.64 -37.00
N GLY A 298 16.00 -1.58 -37.75
CA GLY A 298 16.21 -3.01 -37.50
C GLY A 298 15.25 -3.65 -36.51
N TYR A 299 15.04 -4.95 -36.69
CA TYR A 299 14.19 -5.73 -35.78
CA TYR A 299 14.20 -5.75 -35.81
C TYR A 299 15.08 -6.60 -34.89
N ALA A 300 15.31 -6.13 -33.65
CA ALA A 300 16.14 -6.86 -32.69
C ALA A 300 15.56 -8.23 -32.37
N ASP A 301 16.44 -9.19 -32.07
CA ASP A 301 16.04 -10.57 -31.87
C ASP A 301 15.17 -10.71 -30.61
N ARG A 302 14.04 -11.41 -30.74
CA ARG A 302 13.15 -11.69 -29.61
C ARG A 302 13.78 -12.69 -28.64
N LEU A 303 13.39 -12.61 -27.37
CA LEU A 303 13.78 -13.58 -26.36
C LEU A 303 12.67 -14.61 -26.17
N ASP A 304 13.04 -15.86 -25.87
CA ASP A 304 12.03 -16.87 -25.58
C ASP A 304 11.52 -16.73 -24.15
N ALA A 305 10.37 -17.35 -23.87
CA ALA A 305 9.65 -17.21 -22.61
C ALA A 305 10.50 -17.37 -21.35
N ASP A 306 11.40 -18.34 -21.37
CA ASP A 306 12.30 -18.59 -20.25
C ASP A 306 13.38 -17.52 -20.14
N GLU A 307 13.93 -17.16 -21.29
CA GLU A 307 14.99 -16.16 -21.34
C GLU A 307 14.46 -14.81 -20.88
N GLU A 308 13.26 -14.46 -21.34
CA GLU A 308 12.63 -13.17 -21.06
C GLU A 308 12.40 -12.96 -19.56
N VAL A 309 11.84 -13.96 -18.89
CA VAL A 309 11.62 -13.93 -17.43
C VAL A 309 12.95 -13.85 -16.71
N TYR A 310 13.88 -14.74 -17.06
CA TYR A 310 15.20 -14.79 -16.41
C TYR A 310 15.94 -13.45 -16.53
N SER A 311 15.91 -12.84 -17.71
CA SER A 311 16.47 -11.50 -17.92
C SER A 311 15.87 -10.44 -16.98
N ALA A 312 14.55 -10.43 -16.84
CA ALA A 312 13.87 -9.49 -15.93
C ALA A 312 14.37 -9.65 -14.50
N LEU A 313 14.52 -10.90 -14.07
CA LEU A 313 15.08 -11.21 -12.76
C LEU A 313 16.51 -10.69 -12.59
N VAL A 314 17.33 -10.81 -13.63
CA VAL A 314 18.73 -10.37 -13.56
C VAL A 314 18.77 -8.86 -13.42
N VAL A 315 18.05 -8.16 -14.31
CA VAL A 315 17.96 -6.70 -14.31
C VAL A 315 17.40 -6.16 -13.00
N GLY A 316 16.37 -6.82 -12.49
CA GLY A 316 15.80 -6.48 -11.19
C GLY A 316 16.80 -6.48 -10.06
N LEU A 317 17.49 -7.61 -9.89
CA LEU A 317 18.49 -7.78 -8.85
C LEU A 317 19.70 -6.86 -9.04
N ARG A 318 20.18 -6.74 -10.28
CA ARG A 318 21.34 -5.91 -10.59
C ARG A 318 21.08 -4.46 -10.21
N ALA A 319 19.89 -3.97 -10.53
CA ALA A 319 19.53 -2.58 -10.29
C ALA A 319 19.39 -2.26 -8.81
N TYR A 320 18.86 -3.22 -8.04
CA TYR A 320 18.73 -3.02 -6.60
C TYR A 320 20.10 -2.88 -5.96
N VAL A 321 21.04 -3.69 -6.43
CA VAL A 321 22.40 -3.69 -5.88
C VAL A 321 23.16 -2.46 -6.34
N ALA A 322 23.21 -2.23 -7.66
CA ALA A 322 23.99 -1.13 -8.24
C ALA A 322 23.50 0.26 -7.82
N LYS A 323 22.19 0.49 -7.91
CA LYS A 323 21.65 1.84 -7.70
C LYS A 323 21.48 2.21 -6.23
N ASN A 324 21.78 1.28 -5.33
CA ASN A 324 21.81 1.55 -3.90
C ASN A 324 23.23 1.67 -3.34
N GLY A 325 24.21 1.67 -4.23
CA GLY A 325 25.60 1.85 -3.85
C GLY A 325 26.40 0.58 -3.63
N PHE A 326 25.70 -0.55 -3.54
CA PHE A 326 26.31 -1.84 -3.18
C PHE A 326 27.01 -2.55 -4.34
N ARG A 327 27.97 -3.39 -4.00
CA ARG A 327 28.75 -4.14 -4.99
C ARG A 327 28.39 -5.61 -4.91
N SER A 328 28.00 -6.06 -3.72
CA SER A 328 28.03 -7.47 -3.42
C SER A 328 26.78 -8.03 -2.75
N VAL A 329 26.52 -9.31 -2.97
CA VAL A 329 25.42 -10.01 -2.31
C VAL A 329 25.87 -11.23 -1.50
N LEU A 330 25.02 -11.62 -0.56
CA LEU A 330 25.26 -12.80 0.27
C LEU A 330 24.03 -13.70 0.24
N ILE A 331 24.23 -14.95 -0.12
CA ILE A 331 23.12 -15.89 -0.30
C ILE A 331 23.36 -17.13 0.56
N GLY A 332 22.37 -17.50 1.37
CA GLY A 332 22.41 -18.74 2.14
C GLY A 332 22.15 -19.91 1.20
N LEU A 333 23.03 -20.90 1.26
CA LEU A 333 22.94 -22.04 0.35
C LEU A 333 22.54 -23.32 1.08
N SER A 334 21.37 -23.83 0.73
CA SER A 334 20.85 -25.04 1.35
C SER A 334 21.15 -26.26 0.49
N GLY A 335 21.60 -26.00 -0.73
CA GLY A 335 21.74 -27.05 -1.72
C GLY A 335 20.46 -27.22 -2.54
N GLY A 336 19.39 -26.59 -2.06
CA GLY A 336 18.08 -26.62 -2.72
C GLY A 336 18.02 -25.81 -4.01
N ILE A 337 16.95 -26.03 -4.75
CA ILE A 337 16.78 -25.48 -6.10
C ILE A 337 16.63 -23.95 -6.10
N ASP A 338 15.96 -23.43 -5.08
CA ASP A 338 15.71 -22.00 -4.94
C ASP A 338 16.99 -21.19 -4.84
N SER A 339 17.84 -21.55 -3.87
CA SER A 339 19.11 -20.87 -3.62
C SER A 339 20.05 -20.98 -4.81
N ALA A 340 20.06 -22.16 -5.43
CA ALA A 340 20.88 -22.42 -6.61
C ALA A 340 20.50 -21.51 -7.76
N LEU A 341 19.20 -21.32 -7.99
CA LEU A 341 18.72 -20.40 -9.00
C LEU A 341 19.04 -18.94 -8.66
N VAL A 342 18.94 -18.60 -7.37
CA VAL A 342 19.28 -17.25 -6.92
C VAL A 342 20.77 -16.96 -7.13
N ALA A 343 21.61 -17.92 -6.75
CA ALA A 343 23.06 -17.80 -6.95
C ALA A 343 23.40 -17.58 -8.43
N ALA A 344 22.71 -18.32 -9.30
CA ALA A 344 22.90 -18.23 -10.73
C ALA A 344 22.47 -16.87 -11.26
N ILE A 345 21.32 -16.38 -10.81
CA ILE A 345 20.84 -15.04 -11.16
C ILE A 345 21.81 -13.96 -10.69
N ALA A 346 22.32 -14.11 -9.47
CA ALA A 346 23.29 -13.19 -8.88
C ALA A 346 24.62 -13.11 -9.62
N CYS A 347 25.08 -14.24 -10.16
CA CYS A 347 26.34 -14.31 -10.92
C CYS A 347 26.21 -13.61 -12.27
N ASP A 348 25.04 -13.77 -12.89
CA ASP A 348 24.75 -13.09 -14.15
C ASP A 348 24.53 -11.59 -13.93
N ALA A 349 24.03 -11.24 -12.76
CA ALA A 349 23.73 -9.84 -12.45
C ALA A 349 24.98 -9.05 -12.08
N LEU A 350 25.86 -9.67 -11.30
CA LEU A 350 26.97 -8.97 -10.65
C LEU A 350 28.36 -9.47 -10.98
N GLY A 351 28.44 -10.70 -11.49
CA GLY A 351 29.73 -11.40 -11.64
C GLY A 351 29.94 -12.29 -10.43
N ALA A 352 30.56 -13.45 -10.66
CA ALA A 352 30.73 -14.48 -9.61
C ALA A 352 31.55 -14.00 -8.41
N GLN A 353 32.48 -13.08 -8.67
CA GLN A 353 33.35 -12.49 -7.65
C GLN A 353 32.57 -11.75 -6.58
N ASN A 354 31.43 -11.17 -6.98
CA ASN A 354 30.65 -10.33 -6.09
C ASN A 354 29.52 -11.08 -5.37
N VAL A 355 29.41 -12.38 -5.62
CA VAL A 355 28.42 -13.18 -4.90
C VAL A 355 29.07 -14.17 -3.93
N TYR A 356 28.57 -14.14 -2.70
CA TYR A 356 29.15 -14.86 -1.58
C TYR A 356 28.11 -15.80 -1.02
N GLY A 357 28.45 -17.09 -0.98
CA GLY A 357 27.55 -18.12 -0.48
C GLY A 357 27.94 -18.66 0.88
N VAL A 358 26.93 -18.96 1.70
CA VAL A 358 27.15 -19.49 3.03
C VAL A 358 26.29 -20.74 3.24
N SER A 359 26.93 -21.87 3.53
CA SER A 359 26.25 -23.09 3.91
C SER A 359 26.14 -23.13 5.43
N MET A 360 24.93 -23.30 5.94
CA MET A 360 24.68 -23.25 7.38
C MET A 360 24.04 -24.53 7.89
N PRO A 361 24.86 -25.57 8.13
CA PRO A 361 24.30 -26.86 8.47
C PRO A 361 23.96 -27.02 9.93
N SER A 362 22.94 -27.84 10.18
CA SER A 362 22.56 -28.27 11.52
C SER A 362 23.18 -29.64 11.77
N LYS A 363 22.97 -30.18 12.97
CA LYS A 363 23.44 -31.53 13.32
C LYS A 363 22.75 -32.60 12.46
N TYR A 364 21.44 -32.43 12.28
CA TYR A 364 20.61 -33.41 11.59
C TYR A 364 20.36 -33.06 10.12
N SER A 365 21.00 -32.00 9.62
CA SER A 365 20.92 -31.66 8.19
C SER A 365 21.76 -32.63 7.38
N SER A 366 21.25 -33.00 6.21
CA SER A 366 21.81 -34.09 5.40
C SER A 366 23.17 -33.77 4.77
N ASP A 367 23.67 -34.73 3.99
CA ASP A 367 24.99 -34.61 3.38
C ASP A 367 24.94 -34.24 1.90
N HIS A 368 23.78 -34.44 1.28
CA HIS A 368 23.58 -33.92 -0.08
C HIS A 368 23.24 -32.43 -0.05
N SER A 369 22.73 -31.96 1.10
CA SER A 369 22.53 -30.52 1.36
C SER A 369 23.86 -29.79 1.36
N LYS A 370 24.81 -30.33 2.13
CA LYS A 370 26.16 -29.79 2.24
C LYS A 370 26.88 -29.90 0.90
N GLY A 371 26.73 -31.05 0.26
CA GLY A 371 27.43 -31.37 -0.99
C GLY A 371 27.03 -30.50 -2.16
N ASP A 372 25.73 -30.36 -2.38
CA ASP A 372 25.20 -29.61 -3.51
C ASP A 372 25.50 -28.11 -3.46
N ALA A 373 25.55 -27.57 -2.24
CA ALA A 373 25.99 -26.19 -2.04
C ALA A 373 27.42 -26.03 -2.54
N ALA A 374 28.32 -26.89 -2.05
CA ALA A 374 29.72 -26.90 -2.48
C ALA A 374 29.86 -27.16 -3.98
N GLU A 375 29.04 -28.08 -4.49
CA GLU A 375 28.92 -28.34 -5.92
C GLU A 375 28.61 -27.08 -6.72
N LEU A 376 27.57 -26.35 -6.29
CA LEU A 376 27.11 -25.12 -6.92
C LEU A 376 28.20 -24.06 -6.94
N ALA A 377 28.88 -23.94 -5.80
CA ALA A 377 30.01 -23.03 -5.64
C ALA A 377 31.08 -23.32 -6.69
N ARG A 378 31.43 -24.61 -6.79
CA ARG A 378 32.44 -25.09 -7.72
C ARG A 378 32.17 -24.72 -9.20
N ARG A 379 30.91 -24.81 -9.63
CA ARG A 379 30.59 -24.50 -11.04
C ARG A 379 30.26 -23.04 -11.34
N THR A 380 30.18 -22.19 -10.33
CA THR A 380 29.85 -20.78 -10.55
C THR A 380 31.04 -19.82 -10.47
N GLY A 381 31.99 -20.13 -9.58
CA GLY A 381 33.09 -19.21 -9.29
C GLY A 381 32.74 -18.40 -8.05
N LEU A 382 31.95 -19.03 -7.19
CA LEU A 382 31.35 -18.37 -6.04
C LEU A 382 32.29 -18.33 -4.87
N ASN A 383 32.20 -17.28 -4.08
CA ASN A 383 32.93 -17.23 -2.83
C ASN A 383 32.16 -18.01 -1.79
N PHE A 384 32.58 -19.26 -1.60
CA PHE A 384 31.88 -20.20 -0.73
C PHE A 384 32.51 -20.26 0.64
N ARG A 385 31.66 -20.43 1.66
CA ARG A 385 32.10 -20.69 3.03
C ARG A 385 31.05 -21.52 3.78
N THR A 386 31.46 -22.15 4.87
CA THR A 386 30.54 -22.91 5.70
C THR A 386 30.70 -22.48 7.15
N VAL A 387 29.60 -22.13 7.80
CA VAL A 387 29.58 -21.99 9.24
C VAL A 387 28.43 -22.79 9.80
N SER A 388 28.75 -23.66 10.76
CA SER A 388 27.77 -24.53 11.39
C SER A 388 26.97 -23.73 12.42
N ILE A 389 25.64 -23.88 12.38
CA ILE A 389 24.76 -23.23 13.34
C ILE A 389 24.55 -24.11 14.56
N GLU A 390 25.19 -25.27 14.55
CA GLU A 390 25.14 -26.26 15.63
C GLU A 390 25.61 -25.71 16.99
N PRO A 391 26.72 -24.93 17.05
CA PRO A 391 27.09 -24.33 18.34
C PRO A 391 26.07 -23.35 18.93
N MET A 392 25.46 -22.52 18.09
CA MET A 392 24.45 -21.57 18.56
C MET A 392 23.13 -22.24 18.89
N PHE A 393 22.82 -23.32 18.17
CA PHE A 393 21.65 -24.15 18.44
C PHE A 393 21.68 -24.69 19.86
N ASP A 394 22.81 -25.29 20.24
CA ASP A 394 23.01 -25.86 21.58
C ASP A 394 22.92 -24.78 22.66
N ALA A 395 23.56 -23.64 22.38
CA ALA A 395 23.58 -22.49 23.28
C ALA A 395 22.17 -21.98 23.61
N TYR A 396 21.32 -21.91 22.59
CA TYR A 396 19.91 -21.55 22.74
C TYR A 396 19.11 -22.63 23.48
N MET A 397 19.21 -23.87 23.02
CA MET A 397 18.49 -25.02 23.58
C MET A 397 18.76 -25.23 25.07
N ALA A 398 19.99 -24.95 25.50
CA ALA A 398 20.39 -25.04 26.90
C ALA A 398 19.58 -24.13 27.82
N SER A 399 19.52 -22.85 27.50
CA SER A 399 18.84 -21.88 28.36
C SER A 399 17.39 -21.57 27.96
N LEU A 400 16.81 -22.40 27.08
CA LEU A 400 15.41 -22.24 26.68
C LEU A 400 14.59 -23.52 26.73
N GLY A 401 15.16 -24.61 26.21
CA GLY A 401 14.47 -25.90 26.14
C GLY A 401 13.28 -25.85 25.20
N LEU A 402 13.56 -25.98 23.90
CA LEU A 402 12.50 -25.86 22.90
C LEU A 402 12.15 -27.23 22.32
N THR A 403 10.86 -27.44 22.10
CA THR A 403 10.34 -28.69 21.56
C THR A 403 9.36 -28.41 20.42
N GLY A 404 9.39 -29.27 19.40
CA GLY A 404 8.40 -29.24 18.32
C GLY A 404 8.56 -28.08 17.35
N LEU A 405 7.43 -27.43 17.06
CA LEU A 405 7.34 -26.34 16.08
C LEU A 405 8.26 -25.17 16.41
N ALA A 406 8.37 -24.87 17.71
CA ALA A 406 9.28 -23.85 18.21
C ALA A 406 10.75 -24.15 17.92
N GLU A 407 11.16 -25.42 18.08
CA GLU A 407 12.57 -25.78 17.93
C GLU A 407 13.00 -25.86 16.46
N GLU A 408 12.06 -26.11 15.56
CA GLU A 408 12.35 -26.10 14.13
C GLU A 408 12.53 -24.69 13.60
N ASN A 409 11.71 -23.76 14.13
CA ASN A 409 11.78 -22.35 13.78
C ASN A 409 13.09 -21.70 14.20
N LEU A 410 13.65 -22.17 15.32
CA LEU A 410 14.95 -21.70 15.81
C LEU A 410 16.04 -21.79 14.74
N GLN A 411 16.12 -22.94 14.07
CA GLN A 411 17.07 -23.19 12.98
C GLN A 411 17.18 -22.03 11.98
N SER A 412 16.03 -21.61 11.45
CA SER A 412 15.97 -20.58 10.40
C SER A 412 16.37 -19.19 10.89
N ARG A 413 15.96 -18.84 12.10
CA ARG A 413 16.33 -17.57 12.70
C ARG A 413 17.82 -17.47 12.99
N LEU A 414 18.46 -18.62 13.20
CA LEU A 414 19.89 -18.67 13.39
C LEU A 414 20.62 -18.35 12.09
N ARG A 415 20.16 -18.97 11.01
CA ARG A 415 20.72 -18.77 9.69
C ARG A 415 20.51 -17.35 9.20
N GLY A 416 19.36 -16.78 9.53
CA GLY A 416 19.05 -15.38 9.26
C GLY A 416 20.03 -14.45 9.95
N THR A 417 20.21 -14.68 11.26
CA THR A 417 21.16 -13.92 12.09
C THR A 417 22.60 -14.04 11.57
N THR A 418 22.95 -15.23 11.11
CA THR A 418 24.30 -15.49 10.61
C THR A 418 24.57 -14.71 9.32
N LEU A 419 23.61 -14.76 8.39
CA LEU A 419 23.68 -14.01 7.14
C LEU A 419 23.67 -12.50 7.37
N MET A 420 22.87 -12.04 8.32
CA MET A 420 22.78 -10.62 8.63
C MET A 420 24.08 -10.10 9.25
N ALA A 421 24.64 -10.88 10.16
CA ALA A 421 25.87 -10.51 10.87
C ALA A 421 27.09 -10.47 9.94
N ILE A 422 27.15 -11.40 8.99
CA ILE A 422 28.24 -11.46 8.03
C ILE A 422 28.19 -10.26 7.07
N SER A 423 26.99 -9.92 6.62
CA SER A 423 26.78 -8.79 5.70
C SER A 423 26.99 -7.42 6.37
N ASN A 424 26.72 -7.35 7.67
CA ASN A 424 27.04 -6.17 8.48
C ASN A 424 28.54 -5.92 8.57
N GLN A 425 29.32 -6.99 8.74
CA GLN A 425 30.79 -6.91 8.75
C GLN A 425 31.38 -6.60 7.39
N GLU A 426 30.93 -7.34 6.38
CA GLU A 426 31.65 -7.41 5.11
C GLU A 426 31.06 -6.53 4.01
N GLY A 427 29.86 -5.99 4.25
CA GLY A 427 29.21 -5.04 3.34
C GLY A 427 28.37 -5.64 2.23
N HIS A 428 27.73 -6.77 2.50
CA HIS A 428 26.92 -7.46 1.48
C HIS A 428 25.44 -7.17 1.66
N ILE A 429 24.66 -7.45 0.62
CA ILE A 429 23.22 -7.46 0.71
C ILE A 429 22.74 -8.90 0.75
N VAL A 430 22.02 -9.26 1.82
CA VAL A 430 21.41 -10.58 1.92
C VAL A 430 20.25 -10.72 0.92
N LEU A 431 20.20 -11.87 0.25
CA LEU A 431 19.11 -12.16 -0.67
C LEU A 431 18.17 -13.23 -0.10
N ALA A 432 16.89 -12.91 -0.08
CA ALA A 432 15.85 -13.83 0.41
C ALA A 432 15.43 -14.81 -0.69
N PRO A 433 15.51 -16.13 -0.40
CA PRO A 433 15.30 -17.18 -1.42
C PRO A 433 13.86 -17.64 -1.69
N GLY A 434 12.87 -17.03 -1.03
CA GLY A 434 11.49 -17.49 -1.10
C GLY A 434 10.86 -17.29 -2.46
N ASN A 435 10.16 -18.31 -2.95
CA ASN A 435 9.44 -18.21 -4.21
C ASN A 435 7.99 -17.83 -3.99
N LYS A 436 7.28 -17.59 -5.09
CA LYS A 436 5.89 -17.12 -5.03
C LYS A 436 4.93 -18.15 -4.43
N SER A 437 5.21 -19.44 -4.65
CA SER A 437 4.41 -20.53 -4.11
C SER A 437 4.45 -20.58 -2.58
N GLU A 438 5.65 -20.49 -2.02
CA GLU A 438 5.85 -20.54 -0.57
C GLU A 438 5.27 -19.31 0.07
N LEU A 439 5.48 -18.16 -0.58
CA LEU A 439 4.97 -16.88 -0.10
C LEU A 439 3.46 -16.81 -0.06
N ALA A 440 2.83 -17.40 -1.07
CA ALA A 440 1.37 -17.42 -1.20
C ALA A 440 0.73 -18.11 -0.02
N VAL A 441 1.19 -19.33 0.27
CA VAL A 441 0.62 -20.12 1.35
C VAL A 441 1.36 -19.93 2.69
N GLY A 442 2.36 -19.06 2.69
CA GLY A 442 3.09 -18.73 3.93
C GLY A 442 3.98 -19.83 4.46
N TYR A 443 4.55 -20.64 3.56
CA TYR A 443 5.34 -21.80 3.96
C TYR A 443 6.58 -21.44 4.76
N SER A 444 6.89 -22.34 5.70
CA SER A 444 8.03 -22.21 6.61
C SER A 444 9.35 -22.15 5.87
N THR A 445 10.14 -21.10 6.09
CA THR A 445 11.34 -20.93 5.28
C THR A 445 12.47 -21.92 5.54
N LEU A 446 12.84 -22.04 6.81
CA LEU A 446 13.84 -22.97 7.29
C LEU A 446 15.29 -22.55 7.06
N TYR A 447 15.53 -21.49 6.28
CA TYR A 447 16.86 -20.98 6.06
C TYR A 447 16.82 -19.47 6.25
N GLY A 448 15.86 -19.01 7.03
CA GLY A 448 15.61 -17.59 7.22
C GLY A 448 15.24 -16.72 6.03
N ASP A 449 14.23 -17.12 5.26
CA ASP A 449 13.77 -16.32 4.12
C ASP A 449 13.12 -15.01 4.57
N SER A 450 12.52 -15.03 5.76
CA SER A 450 11.91 -13.84 6.36
C SER A 450 12.94 -12.74 6.62
N VAL A 451 14.21 -13.13 6.67
CA VAL A 451 15.34 -12.22 6.80
C VAL A 451 15.97 -12.00 5.41
N GLY A 452 16.27 -10.75 5.08
CA GLY A 452 16.87 -10.41 3.79
C GLY A 452 16.40 -9.07 3.28
N ALA A 453 17.17 -8.47 2.38
CA ALA A 453 16.86 -7.13 1.88
C ALA A 453 16.24 -7.13 0.48
N TYR A 454 16.45 -8.21 -0.27
CA TYR A 454 15.82 -8.35 -1.58
C TYR A 454 15.52 -9.80 -1.88
N GLY A 455 14.37 -10.05 -2.50
CA GLY A 455 13.95 -11.41 -2.82
C GLY A 455 13.75 -11.61 -4.31
N PRO A 456 14.82 -12.06 -5.01
CA PRO A 456 14.89 -12.08 -6.47
C PRO A 456 13.86 -12.97 -7.16
N ILE A 457 13.40 -14.02 -6.49
CA ILE A 457 12.43 -14.94 -7.10
C ILE A 457 11.07 -14.95 -6.43
N LYS A 458 10.80 -13.94 -5.63
CA LYS A 458 9.58 -13.88 -4.82
C LYS A 458 8.26 -13.84 -5.61
N ASP A 459 8.34 -13.49 -6.89
CA ASP A 459 7.16 -13.45 -7.75
C ASP A 459 7.17 -14.57 -8.79
N VAL A 460 7.99 -15.59 -8.55
CA VAL A 460 8.12 -16.71 -9.48
C VAL A 460 7.62 -17.97 -8.79
N TYR A 461 6.66 -18.66 -9.41
CA TYR A 461 6.12 -19.91 -8.86
C TYR A 461 7.17 -21.01 -8.96
N LYS A 462 7.10 -21.98 -8.04
CA LYS A 462 8.04 -23.11 -7.98
C LYS A 462 8.13 -23.89 -9.31
N THR A 463 6.99 -24.09 -9.97
CA THR A 463 6.92 -24.73 -11.28
C THR A 463 7.81 -24.01 -12.30
N SER A 464 7.84 -22.69 -12.20
CA SER A 464 8.64 -21.88 -13.10
CA SER A 464 8.64 -21.87 -13.10
C SER A 464 10.11 -21.83 -12.67
N ILE A 465 10.38 -22.09 -11.38
CA ILE A 465 11.76 -22.13 -10.88
C ILE A 465 12.57 -23.27 -11.52
N PHE A 466 11.97 -24.47 -11.52
CA PHE A 466 12.51 -25.61 -12.26
C PHE A 466 12.71 -25.27 -13.75
N ARG A 467 11.66 -24.73 -14.37
CA ARG A 467 11.72 -24.35 -15.77
C ARG A 467 12.85 -23.36 -16.11
N LEU A 468 13.13 -22.43 -15.18
CA LEU A 468 14.18 -21.42 -15.37
C LEU A 468 15.58 -21.96 -15.15
N ALA A 469 15.71 -22.83 -14.14
CA ALA A 469 16.98 -23.48 -13.84
C ALA A 469 17.41 -24.36 -15.01
N GLU A 470 16.48 -25.20 -15.47
CA GLU A 470 16.70 -26.10 -16.60
C GLU A 470 17.10 -25.33 -17.86
N TRP A 471 16.43 -24.20 -18.11
CA TRP A 471 16.80 -23.34 -19.24
C TRP A 471 18.20 -22.78 -19.08
N ARG A 472 18.56 -22.39 -17.85
CA ARG A 472 19.83 -21.72 -17.59
C ARG A 472 21.01 -22.66 -17.82
N ASN A 473 20.92 -23.86 -17.23
CA ASN A 473 21.85 -24.96 -17.48
C ASN A 473 21.97 -25.26 -18.98
N ARG A 474 20.84 -25.24 -19.68
CA ARG A 474 20.80 -25.49 -21.12
CA ARG A 474 20.80 -25.48 -21.13
C ARG A 474 21.47 -24.34 -21.89
N ALA A 475 21.31 -23.11 -21.39
CA ALA A 475 21.88 -21.91 -22.00
C ALA A 475 23.41 -21.87 -21.92
N ALA A 476 23.94 -22.40 -20.81
CA ALA A 476 25.37 -22.55 -20.62
C ALA A 476 25.94 -23.56 -21.63
N ALA A 477 25.38 -24.76 -21.64
CA ALA A 477 25.76 -25.85 -22.55
C ALA A 477 25.72 -25.47 -24.04
N GLU A 478 24.72 -24.67 -24.43
CA GLU A 478 24.60 -24.17 -25.81
C GLU A 478 25.86 -23.44 -26.27
N ARG A 479 26.53 -22.77 -25.35
CA ARG A 479 27.76 -22.06 -25.67
C ARG A 479 28.97 -22.61 -24.91
N GLY A 480 28.98 -23.92 -24.67
CA GLY A 480 30.14 -24.59 -24.07
C GLY A 480 30.49 -24.28 -22.63
N GLN A 481 29.78 -23.33 -22.02
CA GLN A 481 30.06 -22.92 -20.64
C GLN A 481 29.47 -23.92 -19.67
N THR A 482 30.04 -23.96 -18.46
CA THR A 482 29.65 -24.90 -17.41
C THR A 482 28.24 -24.61 -16.89
N PRO A 483 27.33 -25.61 -16.96
CA PRO A 483 25.99 -25.44 -16.38
C PRO A 483 26.10 -25.17 -14.88
N PRO A 484 25.58 -24.01 -14.42
CA PRO A 484 25.81 -23.48 -13.07
C PRO A 484 25.10 -24.19 -11.93
N ILE A 485 23.95 -24.78 -12.22
CA ILE A 485 23.10 -25.37 -11.19
C ILE A 485 23.22 -26.89 -11.19
N PRO A 486 23.64 -27.48 -10.04
CA PRO A 486 23.77 -28.95 -9.91
C PRO A 486 22.45 -29.67 -10.22
N GLU A 487 22.54 -30.82 -10.87
CA GLU A 487 21.39 -31.56 -11.36
C GLU A 487 20.64 -32.20 -10.20
N ALA A 488 21.37 -32.48 -9.12
CA ALA A 488 20.78 -33.05 -7.91
C ALA A 488 19.89 -32.05 -7.18
N SER A 489 20.17 -30.76 -7.37
CA SER A 489 19.33 -29.68 -6.85
C SER A 489 18.00 -29.61 -7.60
N ILE A 490 18.06 -29.80 -8.92
CA ILE A 490 16.87 -29.80 -9.79
C ILE A 490 15.98 -31.02 -9.54
N THR A 491 16.58 -32.20 -9.43
CA THR A 491 15.81 -33.46 -9.43
C THR A 491 15.62 -34.10 -8.04
N LYS A 492 15.44 -33.27 -7.01
CA LYS A 492 15.12 -33.76 -5.66
C LYS A 492 14.08 -32.88 -4.97
N PRO A 509 -0.85 -30.32 -1.21
CA PRO A 509 -0.90 -30.65 -2.64
C PRO A 509 0.45 -30.45 -3.34
N ASP A 510 0.69 -31.20 -4.41
CA ASP A 510 1.97 -31.14 -5.14
C ASP A 510 2.11 -29.89 -6.04
N TYR A 511 3.35 -29.45 -6.23
CA TYR A 511 3.68 -28.18 -6.90
C TYR A 511 2.99 -27.83 -8.23
N PRO A 512 2.93 -28.77 -9.21
CA PRO A 512 2.29 -28.37 -10.47
C PRO A 512 0.78 -28.11 -10.36
N VAL A 513 0.11 -28.84 -9.48
CA VAL A 513 -1.32 -28.61 -9.21
C VAL A 513 -1.50 -27.36 -8.32
N LEU A 514 -0.65 -27.25 -7.30
CA LEU A 514 -0.67 -26.12 -6.39
C LEU A 514 -0.56 -24.78 -7.11
N ASP A 515 0.53 -24.59 -7.85
CA ASP A 515 0.79 -23.37 -8.63
C ASP A 515 -0.32 -23.01 -9.60
N ALA A 516 -0.90 -24.03 -10.23
CA ALA A 516 -2.07 -23.85 -11.08
C ALA A 516 -3.25 -23.23 -10.34
N ILE A 517 -3.55 -23.72 -9.14
CA ILE A 517 -4.65 -23.18 -8.32
C ILE A 517 -4.36 -21.76 -7.82
N LEU A 518 -3.11 -21.53 -7.40
CA LEU A 518 -2.63 -20.21 -7.02
C LEU A 518 -2.72 -19.21 -8.18
N GLU A 519 -2.40 -19.65 -9.38
CA GLU A 519 -2.46 -18.77 -10.52
C GLU A 519 -3.91 -18.31 -10.72
N LEU A 520 -4.84 -19.26 -10.62
CA LEU A 520 -6.26 -18.94 -10.79
C LEU A 520 -6.75 -17.96 -9.72
N TYR A 521 -6.31 -18.18 -8.49
CA TYR A 521 -6.79 -17.43 -7.34
C TYR A 521 -6.06 -16.10 -7.12
N VAL A 522 -4.74 -16.11 -7.23
CA VAL A 522 -3.92 -14.94 -6.95
C VAL A 522 -3.69 -14.03 -8.17
N ASP A 523 -3.66 -14.60 -9.38
CA ASP A 523 -3.34 -13.81 -10.59
C ASP A 523 -4.54 -13.52 -11.50
N ARG A 524 -5.49 -14.44 -11.53
CA ARG A 524 -6.69 -14.28 -12.34
C ARG A 524 -7.94 -14.03 -11.50
N ASP A 525 -7.74 -14.00 -10.18
CA ASP A 525 -8.82 -13.77 -9.19
C ASP A 525 -10.13 -14.55 -9.41
N THR A 526 -10.01 -15.85 -9.64
CA THR A 526 -11.16 -16.74 -9.67
C THR A 526 -11.41 -17.29 -8.25
N GLY A 527 -12.68 -17.54 -7.93
CA GLY A 527 -13.06 -18.00 -6.60
C GLY A 527 -13.14 -19.49 -6.54
N ALA A 528 -13.31 -20.02 -5.32
CA ALA A 528 -13.34 -21.46 -5.05
C ALA A 528 -14.23 -22.25 -6.00
N ASP A 529 -15.46 -21.77 -6.18
CA ASP A 529 -16.43 -22.44 -7.02
C ASP A 529 -15.94 -22.61 -8.46
N ALA A 530 -15.32 -21.55 -8.99
CA ALA A 530 -14.84 -21.52 -10.35
C ALA A 530 -13.59 -22.38 -10.53
N ILE A 531 -12.79 -22.51 -9.45
CA ILE A 531 -11.57 -23.31 -9.48
C ILE A 531 -11.92 -24.80 -9.50
N VAL A 532 -12.92 -25.20 -8.72
CA VAL A 532 -13.40 -26.57 -8.71
C VAL A 532 -14.04 -26.93 -10.07
N ALA A 533 -14.80 -25.99 -10.62
CA ALA A 533 -15.45 -26.17 -11.91
C ALA A 533 -14.43 -26.31 -13.04
N ALA A 534 -13.23 -25.76 -12.85
CA ALA A 534 -12.15 -25.94 -13.81
C ALA A 534 -11.53 -27.34 -13.70
N GLY A 535 -11.77 -28.03 -12.60
CA GLY A 535 -11.42 -29.45 -12.50
C GLY A 535 -10.60 -29.85 -11.29
N TYR A 536 -10.53 -28.97 -10.30
CA TYR A 536 -9.71 -29.22 -9.12
C TYR A 536 -10.53 -29.67 -7.91
N ASP A 537 -9.89 -30.40 -7.01
CA ASP A 537 -10.57 -31.03 -5.87
C ASP A 537 -10.91 -30.03 -4.77
N ARG A 538 -12.21 -29.95 -4.45
CA ARG A 538 -12.77 -29.07 -3.42
C ARG A 538 -11.98 -28.98 -2.11
N GLU A 539 -11.62 -30.12 -1.53
CA GLU A 539 -10.89 -30.12 -0.27
C GLU A 539 -9.57 -29.35 -0.37
N LEU A 540 -8.77 -29.69 -1.36
CA LEU A 540 -7.47 -29.07 -1.53
C LEU A 540 -7.54 -27.62 -2.02
N VAL A 541 -8.60 -27.28 -2.76
CA VAL A 541 -8.86 -25.88 -3.15
C VAL A 541 -9.13 -24.99 -1.92
N VAL A 542 -10.09 -25.41 -1.09
CA VAL A 542 -10.47 -24.67 0.11
C VAL A 542 -9.33 -24.56 1.11
N LYS A 543 -8.58 -25.66 1.28
CA LYS A 543 -7.38 -25.69 2.12
C LYS A 543 -6.31 -24.70 1.65
N THR A 544 -6.13 -24.62 0.33
CA THR A 544 -5.10 -23.77 -0.28
C THR A 544 -5.45 -22.28 -0.17
N LEU A 545 -6.70 -21.94 -0.53
CA LEU A 545 -7.23 -20.59 -0.41
C LEU A 545 -7.16 -20.06 1.01
N ARG A 546 -7.62 -20.88 1.96
CA ARG A 546 -7.56 -20.58 3.38
C ARG A 546 -6.14 -20.21 3.76
N MET A 547 -5.20 -21.07 3.38
CA MET A 547 -3.76 -20.85 3.63
C MET A 547 -3.22 -19.56 3.01
N VAL A 548 -3.68 -19.22 1.80
CA VAL A 548 -3.27 -17.96 1.14
C VAL A 548 -3.73 -16.77 1.94
N ASP A 549 -5.02 -16.77 2.29
CA ASP A 549 -5.63 -15.70 3.06
C ASP A 549 -4.94 -15.45 4.41
N THR A 550 -4.66 -16.52 5.15
CA THR A 550 -4.03 -16.38 6.47
C THR A 550 -2.55 -16.06 6.42
N ALA A 551 -1.96 -16.13 5.23
CA ALA A 551 -0.55 -15.81 5.08
C ALA A 551 -0.27 -14.30 4.91
N GLU A 552 -1.30 -13.46 5.01
CA GLU A 552 -1.18 -12.00 4.87
C GLU A 552 -0.03 -11.37 5.61
N TYR A 553 -0.03 -11.51 6.94
CA TYR A 553 0.95 -10.84 7.78
C TYR A 553 2.39 -11.26 7.48
N LYS A 554 2.57 -12.52 7.06
CA LYS A 554 3.88 -13.04 6.68
C LYS A 554 4.47 -12.32 5.47
N ARG A 555 3.60 -12.00 4.51
CA ARG A 555 4.06 -11.38 3.27
C ARG A 555 4.00 -9.86 3.26
N ARG A 556 3.39 -9.27 4.29
CA ARG A 556 3.46 -7.82 4.50
C ARG A 556 4.85 -7.44 4.94
N GLN A 557 5.50 -8.36 5.66
CA GLN A 557 6.81 -8.11 6.20
C GLN A 557 7.92 -8.76 5.38
N TYR A 558 7.57 -9.32 4.23
CA TYR A 558 8.58 -9.90 3.36
C TYR A 558 9.34 -8.80 2.59
N PRO A 559 10.66 -8.98 2.36
CA PRO A 559 11.48 -8.09 1.53
C PRO A 559 10.91 -7.82 0.13
N PRO A 560 11.31 -6.68 -0.47
CA PRO A 560 10.97 -6.39 -1.87
C PRO A 560 11.67 -7.35 -2.83
N GLY A 561 11.04 -7.58 -3.97
CA GLY A 561 11.63 -8.38 -5.02
C GLY A 561 10.99 -8.11 -6.35
N THR A 562 11.54 -8.72 -7.40
CA THR A 562 11.18 -8.42 -8.79
C THR A 562 9.78 -8.92 -9.16
N LYS A 563 8.90 -7.98 -9.53
CA LYS A 563 7.55 -8.34 -9.94
CA LYS A 563 7.54 -8.33 -9.96
C LYS A 563 7.49 -8.59 -11.46
N ILE A 564 7.06 -9.79 -11.81
CA ILE A 564 6.86 -10.13 -13.18
C ILE A 564 5.43 -10.43 -13.55
N SER A 565 4.50 -10.15 -12.68
CA SER A 565 3.11 -10.41 -13.01
C SER A 565 2.29 -9.16 -12.81
N ALA A 566 1.17 -8.99 -13.50
CA ALA A 566 0.41 -7.75 -13.28
C ALA A 566 -0.25 -7.59 -11.91
N LYS A 567 -0.88 -8.63 -11.43
CA LYS A 567 -1.53 -8.58 -10.16
C LYS A 567 -0.96 -9.78 -9.47
N GLY A 568 -0.82 -9.70 -8.16
CA GLY A 568 -0.24 -10.77 -7.40
C GLY A 568 -0.24 -10.33 -5.97
N PHE A 569 0.93 -10.29 -5.38
CA PHE A 569 1.06 -9.91 -3.99
C PHE A 569 1.60 -8.51 -3.88
N GLY A 570 1.35 -7.76 -4.93
CA GLY A 570 1.80 -6.39 -4.98
C GLY A 570 1.16 -5.70 -3.81
N LYS A 571 1.90 -4.76 -3.25
CA LYS A 571 1.52 -4.04 -2.07
C LYS A 571 0.29 -3.22 -2.39
N ASP A 572 -0.01 -3.12 -3.67
CA ASP A 572 -1.20 -2.41 -4.06
C ASP A 572 -2.50 -3.03 -3.52
N ARG A 573 -2.68 -4.34 -3.62
CA ARG A 573 -3.93 -4.97 -3.16
C ARG A 573 -3.69 -5.79 -1.93
N ARG A 574 -4.55 -5.72 -0.93
CA ARG A 574 -4.25 -6.52 0.26
C ARG A 574 -5.47 -6.89 1.10
N LEU A 575 -5.36 -8.00 1.80
CA LEU A 575 -6.40 -8.46 2.72
C LEU A 575 -6.13 -7.88 4.08
N PRO A 576 -7.17 -7.78 4.94
CA PRO A 576 -6.84 -7.40 6.31
C PRO A 576 -5.93 -8.46 6.93
N ILE A 577 -5.16 -8.11 7.96
CA ILE A 577 -4.50 -9.14 8.74
C ILE A 577 -5.56 -9.83 9.58
N THR A 578 -6.17 -9.07 10.49
CA THR A 578 -7.27 -9.51 11.36
C THR A 578 -8.53 -9.74 10.53
N ASN A 579 -8.85 -11.00 10.33
CA ASN A 579 -9.84 -11.39 9.34
C ASN A 579 -10.31 -12.81 9.63
N ARG A 580 -11.58 -12.93 10.02
CA ARG A 580 -12.13 -14.23 10.39
CA ARG A 580 -12.17 -14.21 10.41
C ARG A 580 -12.95 -14.86 9.28
N TRP A 581 -12.93 -14.24 8.10
CA TRP A 581 -13.58 -14.83 6.92
C TRP A 581 -12.80 -16.04 6.49
N ARG A 582 -13.53 -17.13 6.25
CA ARG A 582 -12.94 -18.38 5.76
C ARG A 582 -13.63 -18.74 4.48
N GLU A 583 -12.83 -18.93 3.44
CA GLU A 583 -13.34 -19.22 2.10
C GLU A 583 -13.75 -20.68 2.03
N GLY A 584 -14.81 -20.99 1.27
CA GLY A 584 -15.27 -22.36 1.08
C GLY A 584 -16.02 -22.98 2.25
N HIS A 585 -16.88 -22.19 2.91
CA HIS A 585 -17.61 -22.67 4.08
C HIS A 585 -18.80 -23.56 3.70
N SER B 2 -45.54 18.43 16.98
CA SER B 2 -44.24 17.70 16.98
C SER B 2 -44.37 16.33 17.63
N LEU B 3 -44.06 15.29 16.85
CA LEU B 3 -44.26 13.89 17.25
C LEU B 3 -43.08 13.28 18.00
N GLN B 4 -43.32 12.12 18.62
CA GLN B 4 -42.29 11.39 19.35
C GLN B 4 -42.10 9.96 18.86
N LEU B 5 -40.84 9.51 18.85
CA LEU B 5 -40.49 8.10 18.73
C LEU B 5 -39.20 7.81 19.49
N ARG B 6 -39.07 6.57 19.96
CA ARG B 6 -37.87 6.15 20.69
C ARG B 6 -36.84 5.54 19.73
N LEU B 7 -35.63 6.10 19.77
CA LEU B 7 -34.55 5.71 18.86
C LEU B 7 -33.40 5.04 19.62
N ALA B 8 -33.09 3.80 19.23
CA ALA B 8 -31.98 3.04 19.81
C ALA B 8 -30.78 2.97 18.87
N LEU B 9 -29.73 3.71 19.21
CA LEU B 9 -28.47 3.69 18.48
C LEU B 9 -27.51 2.73 19.15
N ASN B 10 -27.01 1.75 18.41
CA ASN B 10 -26.14 0.72 18.97
C ASN B 10 -24.67 0.81 18.57
N GLN B 11 -23.87 1.40 19.46
CA GLN B 11 -22.44 1.62 19.25
C GLN B 11 -21.71 0.33 19.59
N ILE B 12 -21.67 -0.57 18.60
CA ILE B 12 -21.11 -1.90 18.80
C ILE B 12 -19.76 -2.09 18.11
N ASP B 13 -19.14 -3.24 18.37
CA ASP B 13 -17.86 -3.60 17.80
C ASP B 13 -18.03 -4.84 16.94
N SER B 14 -17.83 -4.69 15.64
CA SER B 14 -17.89 -5.83 14.73
C SER B 14 -16.53 -6.45 14.54
N THR B 15 -16.50 -7.70 14.11
CA THR B 15 -15.24 -8.33 13.73
C THR B 15 -15.25 -8.64 12.23
N VAL B 16 -14.16 -8.26 11.57
CA VAL B 16 -14.01 -8.38 10.11
C VAL B 16 -14.02 -9.83 9.63
N GLY B 17 -15.01 -10.15 8.80
CA GLY B 17 -15.14 -11.48 8.22
C GLY B 17 -16.05 -12.39 9.03
N ASP B 18 -16.26 -12.05 10.31
CA ASP B 18 -17.06 -12.84 11.23
C ASP B 18 -18.54 -12.52 11.07
N ILE B 19 -19.07 -12.84 9.88
CA ILE B 19 -20.44 -12.47 9.51
C ILE B 19 -21.51 -13.12 10.42
N ALA B 20 -21.40 -14.42 10.66
CA ALA B 20 -22.30 -15.13 11.58
C ALA B 20 -22.27 -14.51 12.99
N GLY B 21 -21.06 -14.27 13.50
CA GLY B 21 -20.86 -13.66 14.81
C GLY B 21 -21.36 -12.23 14.91
N ASN B 22 -21.20 -11.47 13.83
CA ASN B 22 -21.73 -10.11 13.78
C ASN B 22 -23.26 -10.11 13.80
N ALA B 23 -23.86 -11.04 13.05
CA ALA B 23 -25.30 -11.22 13.03
C ALA B 23 -25.83 -11.71 14.37
N GLU B 24 -25.04 -12.53 15.05
CA GLU B 24 -25.34 -13.01 16.39
C GLU B 24 -25.38 -11.85 17.37
N ALA B 25 -24.42 -10.94 17.24
CA ALA B 25 -24.31 -9.78 18.13
C ALA B 25 -25.35 -8.70 17.83
N ILE B 26 -25.76 -8.58 16.57
CA ILE B 26 -26.78 -7.60 16.18
C ILE B 26 -28.15 -8.04 16.71
N LEU B 27 -28.35 -9.36 16.72
CA LEU B 27 -29.57 -9.97 17.25
C LEU B 27 -29.71 -9.72 18.75
N ARG B 28 -28.63 -10.00 19.50
CA ARG B 28 -28.57 -9.78 20.94
C ARG B 28 -28.76 -8.31 21.34
N TRP B 29 -28.19 -7.39 20.56
CA TRP B 29 -28.36 -5.95 20.81
C TRP B 29 -29.76 -5.45 20.43
N THR B 30 -30.40 -6.12 19.48
CA THR B 30 -31.78 -5.77 19.10
C THR B 30 -32.76 -6.18 20.21
N ARG B 31 -32.51 -7.36 20.78
CA ARG B 31 -33.26 -7.86 21.93
CA ARG B 31 -33.25 -7.86 21.95
C ARG B 31 -33.25 -6.83 23.06
N HIS B 32 -32.04 -6.36 23.40
CA HIS B 32 -31.81 -5.37 24.44
C HIS B 32 -32.35 -3.97 24.08
N SER B 33 -32.52 -3.71 22.79
CA SER B 33 -33.11 -2.44 22.35
C SER B 33 -34.63 -2.51 22.48
N ALA B 34 -35.21 -3.63 22.07
CA ALA B 34 -36.65 -3.81 22.04
C ALA B 34 -37.23 -3.95 23.44
N GLU B 35 -36.47 -4.56 24.34
CA GLU B 35 -36.83 -4.66 25.75
C GLU B 35 -36.82 -3.29 26.44
N GLN B 36 -36.09 -2.33 25.87
CA GLN B 36 -36.12 -0.94 26.32
C GLN B 36 -37.11 -0.10 25.52
N GLY B 37 -38.05 -0.77 24.86
CA GLY B 37 -39.20 -0.13 24.19
C GLY B 37 -38.88 0.81 23.05
N ALA B 38 -38.03 0.37 22.13
CA ALA B 38 -37.59 1.20 21.01
C ALA B 38 -38.54 1.11 19.82
N HIS B 39 -38.55 2.17 19.01
CA HIS B 39 -39.36 2.18 17.78
C HIS B 39 -38.49 2.07 16.53
N LEU B 40 -37.22 2.42 16.67
CA LEU B 40 -36.23 2.28 15.61
C LEU B 40 -34.88 1.87 16.17
N VAL B 41 -34.28 0.85 15.57
CA VAL B 41 -32.96 0.35 15.98
C VAL B 41 -31.95 0.51 14.85
N ALA B 42 -30.89 1.26 15.12
CA ALA B 42 -29.83 1.46 14.13
C ALA B 42 -28.50 0.83 14.57
N PHE B 43 -27.72 0.38 13.59
CA PHE B 43 -26.39 -0.19 13.81
C PHE B 43 -25.36 0.55 12.97
N PRO B 44 -24.04 0.35 13.21
CA PRO B 44 -23.09 1.18 12.42
C PRO B 44 -22.90 0.78 10.96
N GLU B 45 -22.13 1.59 10.23
CA GLU B 45 -21.73 1.30 8.86
C GLU B 45 -20.97 -0.02 8.81
N MET B 46 -21.40 -0.89 7.90
CA MET B 46 -20.74 -2.15 7.59
C MET B 46 -20.65 -3.09 8.80
N ALA B 47 -21.68 -3.04 9.64
CA ALA B 47 -21.72 -3.73 10.93
C ALA B 47 -21.77 -5.25 10.80
N LEU B 48 -22.52 -5.73 9.81
CA LEU B 48 -22.66 -7.16 9.54
C LEU B 48 -21.34 -7.81 9.12
N THR B 49 -20.43 -6.98 8.62
CA THR B 49 -19.28 -7.43 7.87
C THR B 49 -17.97 -7.10 8.60
N GLY B 50 -17.99 -6.05 9.41
CA GLY B 50 -16.75 -5.49 9.97
C GLY B 50 -16.25 -4.40 9.03
N TYR B 51 -15.25 -3.64 9.46
CA TYR B 51 -14.73 -2.54 8.65
C TYR B 51 -13.33 -2.19 9.12
N PRO B 52 -12.39 -1.94 8.17
CA PRO B 52 -12.52 -2.09 6.72
C PRO B 52 -12.14 -3.48 6.19
N VAL B 53 -12.93 -4.02 5.28
CA VAL B 53 -12.69 -5.37 4.76
C VAL B 53 -11.67 -5.46 3.63
N GLU B 54 -11.28 -4.30 3.11
CA GLU B 54 -10.25 -4.19 2.09
C GLU B 54 -10.56 -5.08 0.90
N ASP B 55 -9.65 -5.96 0.51
CA ASP B 55 -9.84 -6.75 -0.71
C ASP B 55 -10.91 -7.83 -0.66
N LEU B 56 -11.43 -8.10 0.53
CA LEU B 56 -12.59 -8.98 0.67
C LEU B 56 -13.79 -8.38 -0.05
N ALA B 57 -13.82 -7.05 -0.17
CA ALA B 57 -14.88 -6.34 -0.91
C ALA B 57 -14.96 -6.76 -2.37
N LEU B 58 -13.83 -7.23 -2.92
CA LEU B 58 -13.73 -7.62 -4.32
C LEU B 58 -14.08 -9.06 -4.64
N ARG B 59 -14.48 -9.83 -3.62
CA ARG B 59 -14.81 -11.25 -3.80
C ARG B 59 -16.31 -11.52 -3.80
N SER B 60 -16.79 -12.12 -4.89
CA SER B 60 -18.18 -12.57 -5.01
C SER B 60 -18.62 -13.45 -3.84
N SER B 61 -17.76 -14.36 -3.40
CA SER B 61 -18.07 -15.24 -2.28
C SER B 61 -18.39 -14.44 -1.02
N PHE B 62 -17.51 -13.49 -0.68
CA PHE B 62 -17.74 -12.60 0.47
C PHE B 62 -18.97 -11.69 0.33
N VAL B 63 -19.13 -11.06 -0.83
CA VAL B 63 -20.27 -10.18 -1.10
C VAL B 63 -21.61 -10.94 -1.05
N GLU B 64 -21.64 -12.15 -1.60
CA GLU B 64 -22.83 -12.99 -1.49
C GLU B 64 -23.08 -13.49 -0.07
N ALA B 65 -22.02 -13.72 0.69
CA ALA B 65 -22.18 -14.15 2.08
C ALA B 65 -22.76 -13.02 2.93
N SER B 66 -22.45 -11.78 2.56
CA SER B 66 -22.97 -10.60 3.25
C SER B 66 -24.47 -10.44 3.02
N ARG B 67 -24.87 -10.50 1.76
CA ARG B 67 -26.26 -10.36 1.34
C ARG B 67 -27.19 -11.45 1.87
N THR B 68 -26.68 -12.68 1.89
CA THR B 68 -27.44 -13.83 2.35
C THR B 68 -27.66 -13.75 3.86
N ALA B 69 -26.62 -13.35 4.57
CA ALA B 69 -26.69 -13.18 6.02
C ALA B 69 -27.66 -12.08 6.44
N LEU B 70 -27.74 -11.03 5.62
CA LEU B 70 -28.68 -9.93 5.85
C LEU B 70 -30.13 -10.41 5.72
N ARG B 71 -30.39 -11.20 4.67
CA ARG B 71 -31.71 -11.81 4.49
C ARG B 71 -32.02 -12.82 5.59
N GLU B 72 -31.01 -13.59 6.00
CA GLU B 72 -31.15 -14.54 7.10
C GLU B 72 -31.32 -13.86 8.46
N LEU B 73 -30.79 -12.65 8.58
CA LEU B 73 -30.92 -11.87 9.81
C LEU B 73 -32.34 -11.32 9.93
N ALA B 74 -32.81 -10.67 8.85
CA ALA B 74 -34.16 -10.13 8.76
C ALA B 74 -35.22 -11.18 9.07
N ALA B 75 -35.10 -12.34 8.44
CA ALA B 75 -36.02 -13.45 8.65
C ALA B 75 -35.92 -14.03 10.07
N ARG B 76 -34.75 -13.94 10.69
CA ARG B 76 -34.57 -14.39 12.07
C ARG B 76 -35.18 -13.40 13.07
N LEU B 77 -35.13 -12.11 12.75
CA LEU B 77 -35.74 -11.04 13.54
C LEU B 77 -37.22 -11.31 13.86
N ALA B 78 -37.98 -11.60 12.82
CA ALA B 78 -39.42 -11.87 12.93
C ALA B 78 -39.71 -13.22 13.57
N GLU B 79 -38.82 -14.19 13.36
CA GLU B 79 -38.94 -15.51 13.98
C GLU B 79 -38.64 -15.42 15.48
N GLU B 80 -37.94 -14.37 15.88
CA GLU B 80 -37.71 -14.05 17.28
C GLU B 80 -38.75 -13.03 17.77
N GLY B 81 -39.63 -12.60 16.86
CA GLY B 81 -40.74 -11.72 17.20
C GLY B 81 -40.39 -10.25 17.27
N PHE B 82 -39.66 -9.77 16.27
CA PHE B 82 -39.29 -8.37 16.17
C PHE B 82 -39.63 -7.82 14.80
N GLY B 83 -40.45 -8.55 14.05
CA GLY B 83 -40.86 -8.19 12.70
C GLY B 83 -41.53 -6.82 12.57
N GLU B 84 -42.14 -6.36 13.65
CA GLU B 84 -42.77 -5.04 13.70
C GLU B 84 -41.76 -3.89 13.82
N LEU B 85 -40.57 -4.24 14.31
CA LEU B 85 -39.53 -3.26 14.59
C LEU B 85 -38.56 -3.08 13.42
N PRO B 86 -38.49 -1.86 12.85
CA PRO B 86 -37.50 -1.57 11.81
C PRO B 86 -36.08 -1.54 12.37
N VAL B 87 -35.21 -2.40 11.83
CA VAL B 87 -33.81 -2.44 12.25
C VAL B 87 -32.87 -2.09 11.09
N LEU B 88 -32.07 -1.05 11.30
CA LEU B 88 -31.15 -0.55 10.29
C LEU B 88 -29.74 -1.14 10.48
N VAL B 89 -29.25 -1.83 9.45
CA VAL B 89 -27.96 -2.53 9.50
C VAL B 89 -27.06 -2.11 8.33
N GLY B 90 -25.77 -1.89 8.61
CA GLY B 90 -24.77 -1.72 7.58
C GLY B 90 -24.22 -3.07 7.13
N TYR B 91 -23.94 -3.18 5.83
CA TYR B 91 -23.48 -4.43 5.21
C TYR B 91 -22.84 -4.17 3.84
N LEU B 92 -22.23 -5.19 3.26
CA LEU B 92 -21.61 -5.07 1.95
C LEU B 92 -22.53 -5.60 0.86
N ASP B 93 -22.69 -4.82 -0.20
CA ASP B 93 -23.52 -5.23 -1.32
C ASP B 93 -22.75 -5.14 -2.65
N ARG B 94 -23.38 -5.59 -3.73
CA ARG B 94 -22.91 -5.34 -5.10
C ARG B 94 -24.07 -4.84 -5.98
N SER B 95 -23.73 -4.12 -7.05
CA SER B 95 -24.76 -3.59 -7.96
C SER B 95 -25.40 -4.66 -8.81
N GLU B 96 -26.74 -4.67 -8.83
CA GLU B 96 -27.52 -5.64 -9.59
C GLU B 96 -27.38 -5.42 -11.10
N SER B 97 -27.36 -4.15 -11.50
CA SER B 97 -27.32 -3.77 -12.90
C SER B 97 -26.07 -2.96 -13.20
N ALA B 98 -25.74 -2.87 -14.48
CA ALA B 98 -24.64 -2.02 -14.94
C ALA B 98 -25.11 -0.58 -14.86
N GLN B 99 -24.31 0.27 -14.22
CA GLN B 99 -24.65 1.69 -14.09
C GLN B 99 -23.66 2.52 -14.89
N PRO B 100 -24.09 2.96 -16.10
CA PRO B 100 -23.26 3.65 -17.10
C PRO B 100 -22.91 5.08 -16.69
N LYS B 101 -23.68 5.65 -15.78
CA LYS B 101 -23.37 6.94 -15.16
C LYS B 101 -21.97 6.95 -14.54
N TYR B 102 -21.67 5.91 -13.75
CA TYR B 102 -20.35 5.75 -13.16
C TYR B 102 -19.51 4.79 -14.00
N GLY B 103 -20.13 4.25 -15.04
CA GLY B 103 -19.47 3.33 -15.99
C GLY B 103 -19.07 2.02 -15.35
N GLN B 104 -19.91 1.54 -14.44
CA GLN B 104 -19.60 0.35 -13.65
C GLN B 104 -20.41 -0.84 -14.13
N PRO B 105 -19.78 -2.02 -14.19
CA PRO B 105 -20.52 -3.24 -14.54
C PRO B 105 -21.30 -3.77 -13.35
N ALA B 106 -22.32 -4.58 -13.63
CA ALA B 106 -23.12 -5.24 -12.62
C ALA B 106 -22.26 -6.14 -11.75
N GLY B 107 -22.32 -5.92 -10.44
CA GLY B 107 -21.51 -6.69 -9.50
C GLY B 107 -20.40 -5.89 -8.85
N ALA B 108 -20.33 -4.59 -9.17
CA ALA B 108 -19.37 -3.69 -8.54
C ALA B 108 -19.77 -3.46 -7.07
N PRO B 109 -18.78 -3.48 -6.15
CA PRO B 109 -19.08 -3.43 -4.71
C PRO B 109 -19.71 -2.12 -4.28
N ARG B 110 -20.60 -2.20 -3.28
CA ARG B 110 -21.19 -1.01 -2.67
C ARG B 110 -21.28 -1.10 -1.16
N ASN B 111 -20.93 0.00 -0.50
CA ASN B 111 -21.07 0.16 0.94
C ASN B 111 -22.53 0.53 1.22
N ALA B 112 -23.30 -0.44 1.67
CA ALA B 112 -24.75 -0.30 1.76
C ALA B 112 -25.32 -0.41 3.18
N ALA B 113 -26.57 0.04 3.34
CA ALA B 113 -27.32 -0.15 4.56
C ALA B 113 -28.76 -0.49 4.22
N ALA B 114 -29.40 -1.27 5.09
CA ALA B 114 -30.74 -1.74 4.83
C ALA B 114 -31.65 -1.69 6.06
N VAL B 115 -32.94 -1.46 5.81
CA VAL B 115 -33.97 -1.50 6.84
C VAL B 115 -34.64 -2.87 6.82
N LEU B 116 -34.57 -3.56 7.96
CA LEU B 116 -35.19 -4.87 8.07
C LEU B 116 -36.53 -4.81 8.82
N HIS B 117 -37.56 -5.38 8.21
CA HIS B 117 -38.93 -5.29 8.70
C HIS B 117 -39.77 -6.44 8.15
N ARG B 118 -40.59 -7.04 9.01
CA ARG B 118 -41.50 -8.16 8.68
C ARG B 118 -40.79 -9.43 8.19
N GLY B 119 -39.55 -9.65 8.61
CA GLY B 119 -38.76 -10.80 8.14
C GLY B 119 -38.23 -10.64 6.73
N ARG B 120 -38.08 -9.38 6.31
CA ARG B 120 -37.68 -9.05 4.96
C ARG B 120 -36.68 -7.91 4.97
N VAL B 121 -36.03 -7.69 3.83
CA VAL B 121 -35.20 -6.52 3.62
C VAL B 121 -36.12 -5.49 2.94
N ALA B 122 -36.62 -4.54 3.72
CA ALA B 122 -37.67 -3.62 3.25
C ALA B 122 -37.17 -2.44 2.42
N LEU B 123 -35.94 -2.01 2.64
CA LEU B 123 -35.35 -0.89 1.89
C LEU B 123 -33.83 -1.06 1.86
N THR B 124 -33.21 -0.66 0.77
CA THR B 124 -31.76 -0.66 0.65
C THR B 124 -31.34 0.67 0.06
N PHE B 125 -30.12 1.09 0.38
CA PHE B 125 -29.43 2.20 -0.29
C PHE B 125 -27.95 2.02 -0.03
N ALA B 126 -27.12 2.74 -0.77
CA ALA B 126 -25.67 2.64 -0.58
C ALA B 126 -25.06 4.00 -0.54
N LYS B 127 -23.88 4.12 0.08
CA LYS B 127 -23.11 5.36 0.18
C LYS B 127 -23.01 6.11 -1.16
N HIS B 128 -23.16 7.44 -1.13
CA HIS B 128 -23.13 8.23 -2.35
C HIS B 128 -21.76 8.88 -2.55
N HIS B 129 -21.26 9.54 -1.52
CA HIS B 129 -19.98 10.23 -1.59
C HIS B 129 -18.82 9.31 -1.19
N LEU B 130 -17.94 9.02 -2.15
CA LEU B 130 -16.73 8.24 -1.90
C LEU B 130 -15.53 9.09 -2.28
N PRO B 131 -14.94 9.79 -1.29
CA PRO B 131 -13.94 10.83 -1.55
C PRO B 131 -12.60 10.32 -2.09
N ASN B 132 -11.96 11.19 -2.88
CA ASN B 132 -10.61 11.02 -3.39
C ASN B 132 -9.58 10.98 -2.25
N TYR B 133 -9.77 11.86 -1.26
CA TYR B 133 -8.99 11.90 -0.03
C TYR B 133 -9.62 11.02 1.06
N GLY B 134 -8.94 10.89 2.20
CA GLY B 134 -9.39 9.99 3.26
C GLY B 134 -8.67 8.66 3.22
N VAL B 135 -8.77 7.89 4.32
CA VAL B 135 -7.98 6.66 4.51
C VAL B 135 -8.42 5.47 3.67
N PHE B 136 -9.70 5.40 3.38
CA PHE B 136 -10.24 4.28 2.64
C PHE B 136 -10.28 4.60 1.18
N ASP B 137 -10.34 3.59 0.34
CA ASP B 137 -10.36 3.84 -1.07
C ASP B 137 -11.47 3.07 -1.71
N GLU B 138 -12.68 3.44 -1.39
CA GLU B 138 -13.83 2.82 -1.97
C GLU B 138 -14.06 3.50 -3.28
N PHE B 139 -13.37 4.61 -3.45
CA PHE B 139 -13.52 5.46 -4.61
C PHE B 139 -13.16 4.65 -5.83
N ARG B 140 -12.07 3.93 -5.73
CA ARG B 140 -11.61 3.05 -6.81
C ARG B 140 -12.63 1.99 -7.23
N TYR B 141 -13.08 1.19 -6.28
CA TYR B 141 -13.81 -0.02 -6.63
C TYR B 141 -15.31 0.07 -6.48
N PHE B 142 -15.76 0.98 -5.62
CA PHE B 142 -17.17 1.02 -5.24
C PHE B 142 -18.05 1.85 -6.18
N VAL B 143 -19.29 1.40 -6.36
CA VAL B 143 -20.30 2.16 -7.11
C VAL B 143 -21.31 2.83 -6.18
N PRO B 144 -21.35 4.18 -6.19
CA PRO B 144 -22.25 5.00 -5.36
C PRO B 144 -23.73 4.68 -5.53
N GLY B 145 -24.45 4.63 -4.41
CA GLY B 145 -25.90 4.54 -4.42
C GLY B 145 -26.49 5.92 -4.68
N ASP B 146 -27.42 5.99 -5.63
CA ASP B 146 -27.92 7.28 -6.09
C ASP B 146 -29.33 7.65 -5.61
N THR B 147 -29.80 6.97 -4.58
CA THR B 147 -31.09 7.31 -3.97
C THR B 147 -30.92 8.36 -2.88
N MET B 148 -32.05 8.92 -2.43
CA MET B 148 -32.15 9.62 -1.16
C MET B 148 -33.24 8.89 -0.38
N PRO B 149 -32.84 7.92 0.46
CA PRO B 149 -33.80 7.06 1.16
C PRO B 149 -34.50 7.77 2.34
N ILE B 150 -35.81 7.57 2.43
CA ILE B 150 -36.62 8.09 3.53
C ILE B 150 -37.49 6.98 4.11
N VAL B 151 -37.62 6.95 5.43
CA VAL B 151 -38.53 6.04 6.11
C VAL B 151 -39.66 6.82 6.82
N ARG B 152 -40.90 6.46 6.49
CA ARG B 152 -42.09 6.90 7.23
C ARG B 152 -42.32 5.95 8.39
N LEU B 153 -41.91 6.36 9.58
CA LEU B 153 -42.15 5.59 10.79
C LEU B 153 -42.87 6.47 11.82
N HIS B 154 -44.09 6.06 12.14
CA HIS B 154 -45.00 6.80 13.03
C HIS B 154 -45.15 8.29 12.63
N GLY B 155 -45.55 8.52 11.39
CA GLY B 155 -45.83 9.86 10.87
C GLY B 155 -44.63 10.76 10.60
N VAL B 156 -43.44 10.24 10.91
CA VAL B 156 -42.19 11.02 10.82
C VAL B 156 -41.33 10.52 9.67
N ASP B 157 -40.80 11.45 8.88
CA ASP B 157 -39.88 11.15 7.78
C ASP B 157 -38.43 11.06 8.27
N ILE B 158 -37.87 9.85 8.24
CA ILE B 158 -36.49 9.64 8.67
C ILE B 158 -35.58 9.39 7.46
N ALA B 159 -34.64 10.32 7.22
CA ALA B 159 -33.70 10.23 6.10
C ALA B 159 -32.40 9.55 6.51
N LEU B 160 -31.79 8.81 5.57
CA LEU B 160 -30.64 7.96 5.88
C LEU B 160 -29.39 8.31 5.08
N ALA B 161 -28.23 8.24 5.73
CA ALA B 161 -26.93 8.49 5.09
C ALA B 161 -25.82 7.64 5.72
N ILE B 162 -24.71 7.46 4.99
CA ILE B 162 -23.57 6.70 5.49
C ILE B 162 -22.30 7.55 5.45
N CYS B 163 -21.71 7.75 6.62
CA CYS B 163 -20.39 8.38 6.83
C CYS B 163 -19.98 9.56 5.92
N GLU B 164 -19.24 9.26 4.84
CA GLU B 164 -18.65 10.31 4.00
C GLU B 164 -19.67 11.09 3.16
N ASP B 165 -20.92 10.62 3.11
CA ASP B 165 -22.03 11.37 2.55
C ASP B 165 -22.14 12.76 3.16
N LEU B 166 -21.93 12.83 4.47
CA LEU B 166 -21.97 14.08 5.23
C LEU B 166 -20.79 15.01 4.95
N TRP B 167 -19.71 14.47 4.37
CA TRP B 167 -18.54 15.28 4.03
C TRP B 167 -18.79 16.11 2.78
N GLN B 168 -19.73 15.63 1.94
CA GLN B 168 -20.03 16.23 0.65
C GLN B 168 -20.85 17.50 0.76
N ASP B 169 -20.32 18.59 0.20
CA ASP B 169 -21.08 19.83 0.06
C ASP B 169 -22.09 19.65 -1.07
N GLY B 170 -23.36 19.64 -0.70
CA GLY B 170 -24.45 19.33 -1.64
C GLY B 170 -24.69 17.84 -1.70
N GLY B 171 -24.50 17.17 -0.57
CA GLY B 171 -24.63 15.71 -0.50
C GLY B 171 -26.05 15.23 -0.29
N ARG B 172 -26.18 14.23 0.56
CA ARG B 172 -27.49 13.75 1.01
C ARG B 172 -28.10 14.64 2.12
N VAL B 173 -27.28 15.53 2.67
CA VAL B 173 -27.73 16.51 3.67
C VAL B 173 -28.77 17.51 3.12
N PRO B 174 -28.41 18.36 2.12
CA PRO B 174 -29.43 19.26 1.56
C PRO B 174 -30.54 18.51 0.87
N ALA B 175 -30.22 17.31 0.38
CA ALA B 175 -31.19 16.42 -0.23
C ALA B 175 -32.25 15.97 0.76
N ALA B 176 -31.90 15.92 2.05
CA ALA B 176 -32.84 15.55 3.09
C ALA B 176 -33.72 16.74 3.46
N ARG B 177 -33.15 17.95 3.34
CA ARG B 177 -33.90 19.19 3.57
C ARG B 177 -34.94 19.38 2.49
N SER B 178 -34.54 19.15 1.24
CA SER B 178 -35.44 19.29 0.10
C SER B 178 -36.40 18.11 -0.04
N ALA B 179 -36.23 17.09 0.79
CA ALA B 179 -37.14 15.95 0.83
C ALA B 179 -38.13 16.04 2.00
N GLY B 180 -37.82 16.92 2.96
CA GLY B 180 -38.68 17.14 4.12
C GLY B 180 -38.57 16.02 5.13
N ALA B 181 -37.43 15.96 5.80
CA ALA B 181 -37.16 14.89 6.76
C ALA B 181 -37.23 15.41 8.19
N GLY B 182 -37.79 14.59 9.07
CA GLY B 182 -37.80 14.89 10.50
C GLY B 182 -36.46 14.55 11.12
N LEU B 183 -35.99 13.33 10.89
CA LEU B 183 -34.77 12.83 11.50
C LEU B 183 -33.71 12.43 10.45
N LEU B 184 -32.46 12.87 10.67
CA LEU B 184 -31.36 12.45 9.81
C LEU B 184 -30.50 11.41 10.51
N LEU B 185 -30.68 10.15 10.12
CA LEU B 185 -29.95 9.03 10.72
C LEU B 185 -28.73 8.66 9.87
N SER B 186 -27.54 8.94 10.41
CA SER B 186 -26.29 8.68 9.74
C SER B 186 -25.55 7.56 10.44
N VAL B 187 -25.27 6.48 9.71
CA VAL B 187 -24.50 5.36 10.28
C VAL B 187 -23.05 5.40 9.80
N ASN B 188 -22.12 5.14 10.71
CA ASN B 188 -20.72 5.51 10.46
C ASN B 188 -19.70 4.50 10.97
N ALA B 189 -18.49 4.61 10.42
CA ALA B 189 -17.34 3.86 10.89
C ALA B 189 -16.13 4.75 10.70
N SER B 190 -15.98 5.71 11.61
CA SER B 190 -14.96 6.75 11.52
C SER B 190 -13.76 6.44 12.39
N PRO B 191 -12.57 6.31 11.76
CA PRO B 191 -11.32 6.04 12.48
C PRO B 191 -10.88 7.17 13.39
N TYR B 192 -10.10 6.83 14.41
CA TYR B 192 -9.64 7.80 15.40
C TYR B 192 -8.46 8.60 14.88
N GLU B 193 -8.57 9.91 15.05
CA GLU B 193 -7.48 10.83 14.80
C GLU B 193 -7.35 11.69 16.05
N ARG B 194 -6.16 11.73 16.63
CA ARG B 194 -5.86 12.70 17.69
C ARG B 194 -5.92 14.12 17.11
N ASP B 195 -6.88 14.88 17.62
CA ASP B 195 -7.03 16.29 17.29
C ASP B 195 -7.59 16.96 18.52
N LYS B 196 -7.01 18.11 18.86
CA LYS B 196 -7.48 18.94 19.98
C LYS B 196 -8.88 19.52 19.72
N ASP B 197 -9.21 19.78 18.46
CA ASP B 197 -10.56 20.21 18.08
C ASP B 197 -11.55 19.05 18.12
N ASP B 198 -12.81 19.37 18.44
CA ASP B 198 -13.90 18.41 18.40
C ASP B 198 -14.54 18.42 17.00
N THR B 199 -13.83 17.79 16.07
CA THR B 199 -14.20 17.75 14.66
C THR B 199 -15.52 17.02 14.44
N ARG B 200 -15.83 16.09 15.34
CA ARG B 200 -17.07 15.35 15.30
C ARG B 200 -18.26 16.27 15.51
N LEU B 201 -18.17 17.11 16.55
CA LEU B 201 -19.24 18.06 16.85
C LEU B 201 -19.33 19.12 15.76
N GLU B 202 -18.17 19.60 15.31
CA GLU B 202 -18.08 20.56 14.22
C GLU B 202 -18.79 20.07 12.95
N LEU B 203 -18.56 18.81 12.60
CA LEU B 203 -19.22 18.22 11.44
C LEU B 203 -20.74 18.11 11.62
N VAL B 204 -21.17 17.52 12.73
CA VAL B 204 -22.59 17.22 12.95
C VAL B 204 -23.41 18.49 13.24
N ARG B 205 -22.78 19.49 13.86
CA ARG B 205 -23.44 20.78 14.08
C ARG B 205 -23.73 21.47 12.75
N LYS B 206 -22.69 21.65 11.93
CA LYS B 206 -22.79 22.30 10.62
C LYS B 206 -23.81 21.61 9.73
N ARG B 207 -23.87 20.28 9.83
CA ARG B 207 -24.73 19.48 8.97
C ARG B 207 -26.18 19.41 9.41
N ALA B 208 -26.42 19.41 10.73
CA ALA B 208 -27.80 19.40 11.26
C ALA B 208 -28.48 20.74 11.01
N GLN B 209 -27.67 21.80 10.98
CA GLN B 209 -28.13 23.14 10.61
C GLN B 209 -28.43 23.21 9.12
N GLU B 210 -27.50 22.70 8.31
CA GLU B 210 -27.67 22.65 6.84
C GLU B 210 -28.88 21.81 6.43
N ALA B 211 -29.11 20.70 7.14
CA ALA B 211 -30.29 19.87 6.91
C ALA B 211 -31.54 20.54 7.48
N GLY B 212 -31.35 21.29 8.56
CA GLY B 212 -32.47 21.92 9.26
C GLY B 212 -33.31 20.91 10.04
N CYS B 213 -32.67 19.89 10.60
CA CYS B 213 -33.36 18.90 11.44
C CYS B 213 -32.44 18.19 12.45
N THR B 214 -33.06 17.37 13.30
CA THR B 214 -32.35 16.55 14.27
C THR B 214 -31.56 15.45 13.56
N THR B 215 -30.28 15.33 13.90
CA THR B 215 -29.35 14.44 13.23
C THR B 215 -28.62 13.50 14.19
N ALA B 216 -28.79 12.19 14.00
CA ALA B 216 -28.08 11.19 14.79
C ALA B 216 -26.91 10.52 14.03
N TYR B 217 -25.69 10.75 14.52
CA TYR B 217 -24.47 10.17 13.97
C TYR B 217 -24.07 8.96 14.81
N LEU B 218 -24.44 7.77 14.37
CA LEU B 218 -24.03 6.55 15.08
C LEU B 218 -22.72 6.02 14.52
N ALA B 219 -21.75 5.77 15.41
CA ALA B 219 -20.42 5.37 14.99
C ALA B 219 -19.99 4.00 15.52
N MET B 220 -19.14 3.33 14.75
CA MET B 220 -18.55 2.06 15.13
C MET B 220 -17.52 2.30 16.24
N ILE B 221 -17.30 1.28 17.06
CA ILE B 221 -16.24 1.31 18.07
C ILE B 221 -15.45 0.01 17.93
N GLY B 222 -14.16 0.05 18.19
CA GLY B 222 -13.30 -1.09 18.10
C GLY B 222 -12.04 -0.97 17.29
N GLY B 223 -11.24 -2.01 17.28
CA GLY B 223 -9.97 -1.94 16.59
C GLY B 223 -9.94 -2.88 15.43
N GLN B 224 -9.27 -2.49 14.34
CA GLN B 224 -9.09 -3.37 13.20
C GLN B 224 -7.74 -3.13 12.56
N ASP B 225 -6.79 -4.03 12.73
CA ASP B 225 -5.44 -3.81 12.22
C ASP B 225 -4.87 -2.54 12.83
N GLU B 226 -4.39 -1.59 12.04
CA GLU B 226 -3.86 -0.35 12.59
C GLU B 226 -4.86 0.75 12.91
N LEU B 227 -6.11 0.56 12.56
CA LEU B 227 -7.14 1.56 12.83
C LEU B 227 -7.96 1.27 14.10
N VAL B 228 -8.35 2.33 14.81
CA VAL B 228 -9.22 2.24 15.96
C VAL B 228 -10.42 3.13 15.72
N PHE B 229 -11.62 2.58 15.93
CA PHE B 229 -12.84 3.34 15.83
C PHE B 229 -13.25 3.80 17.23
N ASP B 230 -13.48 5.10 17.37
CA ASP B 230 -13.57 5.71 18.69
C ASP B 230 -14.98 5.95 19.21
N GLY B 231 -15.96 5.32 18.55
CA GLY B 231 -17.36 5.48 18.92
C GLY B 231 -17.81 6.94 18.90
N ASP B 232 -18.22 7.43 20.08
CA ASP B 232 -18.56 8.83 20.31
C ASP B 232 -19.73 9.32 19.44
N SER B 233 -20.80 8.55 19.45
CA SER B 233 -22.03 8.90 18.75
C SER B 233 -22.69 10.16 19.35
N ILE B 234 -23.22 11.03 18.48
CA ILE B 234 -23.91 12.24 18.92
C ILE B 234 -25.30 12.31 18.30
N VAL B 235 -26.23 12.92 19.04
CA VAL B 235 -27.50 13.42 18.50
C VAL B 235 -27.47 14.94 18.67
N VAL B 236 -27.85 15.67 17.61
CA VAL B 236 -27.80 17.14 17.59
C VAL B 236 -29.12 17.66 17.01
N ASP B 237 -29.71 18.68 17.64
CA ASP B 237 -31.00 19.22 17.18
C ASP B 237 -30.91 20.11 15.92
N ARG B 238 -32.07 20.61 15.48
CA ARG B 238 -32.22 21.52 14.34
C ARG B 238 -31.31 22.76 14.42
N ASP B 239 -31.11 23.27 15.63
CA ASP B 239 -30.37 24.51 15.87
C ASP B 239 -28.88 24.31 16.11
N GLY B 240 -28.50 23.12 16.55
CA GLY B 240 -27.09 22.77 16.72
C GLY B 240 -26.64 22.48 18.14
N GLU B 241 -27.57 21.97 18.96
CA GLU B 241 -27.27 21.67 20.36
C GLU B 241 -27.32 20.16 20.65
N VAL B 242 -26.37 19.71 21.47
CA VAL B 242 -26.19 18.28 21.76
C VAL B 242 -27.34 17.70 22.59
N VAL B 243 -28.12 16.83 21.96
CA VAL B 243 -29.25 16.15 22.61
C VAL B 243 -28.76 14.95 23.45
N ALA B 244 -27.77 14.23 22.91
CA ALA B 244 -27.11 13.12 23.61
C ALA B 244 -25.71 12.92 23.06
N ARG B 245 -24.84 12.27 23.84
CA ARG B 245 -23.46 12.01 23.42
C ARG B 245 -22.89 10.75 24.06
N ALA B 246 -22.53 9.79 23.21
CA ALA B 246 -22.06 8.47 23.64
C ALA B 246 -20.61 8.51 24.12
N PRO B 247 -20.18 7.50 24.92
CA PRO B 247 -18.79 7.48 25.37
C PRO B 247 -17.79 7.22 24.24
N GLN B 248 -16.54 7.64 24.44
CA GLN B 248 -15.47 7.33 23.51
C GLN B 248 -14.83 6.03 23.93
N PHE B 249 -14.51 5.20 22.93
CA PHE B 249 -13.76 3.96 23.12
C PHE B 249 -14.46 2.91 23.99
N SER B 250 -15.79 2.94 23.99
CA SER B 250 -16.56 1.94 24.70
C SER B 250 -17.72 1.49 23.84
N GLU B 251 -18.01 0.21 23.93
CA GLU B 251 -19.25 -0.33 23.42
C GLU B 251 -20.37 0.19 24.33
N GLY B 252 -21.51 0.53 23.74
CA GLY B 252 -22.63 1.04 24.50
C GLY B 252 -23.82 1.32 23.62
N CYS B 253 -24.91 1.79 24.23
CA CYS B 253 -26.11 2.16 23.46
C CYS B 253 -26.62 3.54 23.86
N VAL B 254 -27.26 4.21 22.91
CA VAL B 254 -27.99 5.45 23.17
C VAL B 254 -29.45 5.20 22.83
N VAL B 255 -30.29 5.25 23.87
CA VAL B 255 -31.74 5.10 23.70
C VAL B 255 -32.41 6.36 24.26
N LEU B 256 -33.15 7.06 23.40
CA LEU B 256 -33.71 8.37 23.76
C LEU B 256 -34.98 8.73 22.98
N ASP B 257 -35.65 9.80 23.41
CA ASP B 257 -36.88 10.27 22.77
C ASP B 257 -36.68 11.67 22.18
N LEU B 258 -37.32 11.92 21.04
CA LEU B 258 -37.15 13.18 20.30
C LEU B 258 -38.47 13.86 19.97
N ASP B 259 -38.40 15.17 19.71
CA ASP B 259 -39.54 15.91 19.17
C ASP B 259 -39.26 16.20 17.71
N LEU B 260 -40.13 15.70 16.84
CA LEU B 260 -39.87 15.74 15.41
C LEU B 260 -41.09 16.23 14.61
N PRO B 261 -40.85 17.07 13.58
CA PRO B 261 -41.93 17.49 12.69
C PRO B 261 -42.42 16.35 11.81
N ALA B 262 -43.74 16.18 11.75
CA ALA B 262 -44.35 15.24 10.80
C ALA B 262 -44.28 15.83 9.39
N ALA B 263 -44.34 14.97 8.38
CA ALA B 263 -44.29 15.42 7.00
C ALA B 263 -45.68 15.44 6.36
N GLU B 264 -45.77 16.04 5.17
CA GLU B 264 -47.04 16.22 4.46
C GLU B 264 -47.65 14.89 4.01
N ALA B 265 -48.97 14.88 3.84
CA ALA B 265 -49.69 13.75 3.24
C ALA B 265 -49.31 13.60 1.76
N GLU B 266 -49.05 14.72 1.09
CA GLU B 266 -48.36 14.73 -0.20
C GLU B 266 -46.95 15.34 -0.05
N PRO B 267 -45.94 14.48 0.15
CA PRO B 267 -44.55 14.90 0.31
C PRO B 267 -43.85 15.07 -1.06
N PRO B 268 -42.60 15.58 -1.09
CA PRO B 268 -41.92 15.71 -2.40
C PRO B 268 -41.46 14.37 -3.01
N THR B 269 -41.32 14.33 -4.33
CA THR B 269 -40.77 13.17 -5.04
C THR B 269 -39.92 13.61 -6.25
N GLY B 270 -39.08 12.69 -6.74
CA GLY B 270 -38.24 12.96 -7.91
C GLY B 270 -36.80 13.32 -7.58
N VAL B 271 -36.10 13.83 -8.59
CA VAL B 271 -34.69 14.23 -8.48
C VAL B 271 -34.51 15.38 -7.48
N VAL B 272 -33.50 15.24 -6.62
CA VAL B 272 -33.18 16.28 -5.64
C VAL B 272 -31.82 16.95 -5.95
N ASP B 273 -30.88 16.92 -5.00
CA ASP B 273 -29.72 17.82 -5.04
C ASP B 273 -28.57 17.38 -5.94
N ASP B 274 -28.04 16.19 -5.71
CA ASP B 274 -27.00 15.67 -6.58
C ASP B 274 -27.61 14.77 -7.66
N GLY B 275 -28.92 14.86 -7.81
CA GLY B 275 -29.67 14.01 -8.73
C GLY B 275 -30.13 12.76 -8.02
N LEU B 276 -30.44 12.89 -6.73
CA LEU B 276 -30.81 11.74 -5.91
C LEU B 276 -32.31 11.48 -5.92
N ARG B 277 -32.71 10.27 -6.29
CA ARG B 277 -34.12 9.92 -6.38
C ARG B 277 -34.65 9.48 -5.02
N ILE B 278 -35.70 10.13 -4.53
CA ILE B 278 -36.29 9.80 -3.23
C ILE B 278 -36.92 8.42 -3.19
N ASP B 279 -36.36 7.53 -2.38
CA ASP B 279 -36.94 6.21 -2.18
C ASP B 279 -37.60 6.15 -0.81
N ARG B 280 -38.92 6.22 -0.79
CA ARG B 280 -39.67 6.17 0.44
C ARG B 280 -40.03 4.74 0.80
N LEU B 281 -40.00 4.45 2.10
CA LEU B 281 -40.51 3.22 2.63
C LEU B 281 -41.43 3.56 3.78
N VAL B 282 -42.67 3.08 3.72
CA VAL B 282 -43.66 3.42 4.72
C VAL B 282 -43.97 2.24 5.64
N ILE B 283 -43.62 2.39 6.92
CA ILE B 283 -44.03 1.42 7.96
C ILE B 283 -45.33 1.92 8.60
N SER B 284 -45.35 3.21 8.95
CA SER B 284 -46.54 3.85 9.53
C SER B 284 -46.69 5.28 9.00
N GLU B 285 -47.85 5.55 8.40
CA GLU B 285 -48.20 6.90 7.93
C GLU B 285 -48.79 7.66 9.10
N GLU B 286 -49.46 6.94 9.98
CA GLU B 286 -50.12 7.54 11.14
C GLU B 286 -49.30 7.56 12.40
N PRO B 287 -49.34 8.70 13.05
CA PRO B 287 -48.53 9.04 14.21
C PRO B 287 -48.80 8.20 15.44
N LEU B 288 -47.78 8.07 16.24
CA LEU B 288 -47.81 7.27 17.43
C LEU B 288 -48.70 7.85 18.51
N PRO B 289 -49.33 6.98 19.28
CA PRO B 289 -50.04 7.43 20.49
C PRO B 289 -49.10 8.12 21.47
N ALA B 290 -49.17 9.45 21.50
CA ALA B 290 -48.30 10.29 22.32
C ALA B 290 -48.36 9.89 23.79
N TYR B 291 -47.19 9.65 24.38
CA TYR B 291 -47.10 9.12 25.74
C TYR B 291 -45.94 9.71 26.54
N GLU B 292 -45.62 9.08 27.67
CA GLU B 292 -44.70 9.64 28.66
C GLU B 292 -43.23 9.69 28.22
N ALA B 293 -42.83 10.87 27.73
CA ALA B 293 -41.45 11.14 27.30
C ALA B 293 -40.49 11.19 28.50
N GLU B 294 -39.62 10.20 28.61
CA GLU B 294 -38.80 10.02 29.80
C GLU B 294 -37.28 9.93 29.56
N LEU B 295 -36.88 9.31 28.45
CA LEU B 295 -35.45 9.11 28.17
C LEU B 295 -34.79 10.31 27.48
N ALA B 296 -33.79 10.88 28.16
CA ALA B 296 -33.10 12.09 27.70
C ALA B 296 -31.86 11.80 26.84
N GLY B 297 -31.25 10.65 27.07
CA GLY B 297 -30.05 10.25 26.31
C GLY B 297 -28.79 10.31 27.16
N GLY B 298 -28.51 11.48 27.72
CA GLY B 298 -27.34 11.64 28.59
C GLY B 298 -26.04 11.88 27.85
N TYR B 299 -25.31 12.89 28.29
CA TYR B 299 -24.02 13.26 27.71
C TYR B 299 -22.92 12.60 28.54
N ALA B 300 -22.27 11.57 27.97
CA ALA B 300 -21.19 10.84 28.65
C ALA B 300 -19.92 11.69 28.81
N ASP B 301 -19.11 11.36 29.82
CA ASP B 301 -17.96 12.17 30.21
C ASP B 301 -16.86 12.18 29.15
N ARG B 302 -16.34 13.37 28.84
CA ARG B 302 -15.26 13.51 27.87
C ARG B 302 -13.93 13.12 28.51
N LEU B 303 -13.17 12.29 27.82
CA LEU B 303 -11.82 11.95 28.21
C LEU B 303 -10.89 13.13 27.91
N ASP B 304 -9.87 13.32 28.74
CA ASP B 304 -8.86 14.35 28.47
C ASP B 304 -7.83 13.81 27.47
N ALA B 305 -7.00 14.71 26.94
CA ALA B 305 -6.12 14.42 25.82
C ALA B 305 -5.21 13.20 25.99
N ASP B 306 -4.63 13.06 27.20
CA ASP B 306 -3.78 11.92 27.49
C ASP B 306 -4.58 10.63 27.60
N GLU B 307 -5.73 10.71 28.26
CA GLU B 307 -6.61 9.56 28.46
C GLU B 307 -7.15 9.04 27.13
N GLU B 308 -7.52 9.97 26.26
CA GLU B 308 -8.02 9.67 24.92
C GLU B 308 -7.02 8.85 24.11
N VAL B 309 -5.77 9.31 24.06
CA VAL B 309 -4.70 8.62 23.34
C VAL B 309 -4.43 7.25 23.95
N TYR B 310 -4.39 7.19 25.28
CA TYR B 310 -4.15 5.94 25.98
C TYR B 310 -5.22 4.89 25.74
N SER B 311 -6.49 5.33 25.69
CA SER B 311 -7.60 4.43 25.43
C SER B 311 -7.49 3.80 24.05
N ALA B 312 -7.14 4.63 23.06
CA ALA B 312 -6.95 4.22 21.67
C ALA B 312 -5.90 3.12 21.57
N LEU B 313 -4.77 3.33 22.24
CA LEU B 313 -3.68 2.36 22.26
C LEU B 313 -4.15 1.04 22.88
N VAL B 314 -4.95 1.13 23.94
CA VAL B 314 -5.47 -0.05 24.63
C VAL B 314 -6.42 -0.81 23.73
N VAL B 315 -7.42 -0.12 23.18
CA VAL B 315 -8.43 -0.74 22.31
C VAL B 315 -7.80 -1.41 21.09
N GLY B 316 -6.80 -0.74 20.50
CA GLY B 316 -6.05 -1.29 19.37
C GLY B 316 -5.37 -2.61 19.69
N LEU B 317 -4.60 -2.62 20.77
CA LEU B 317 -3.92 -3.83 21.23
C LEU B 317 -4.90 -4.94 21.59
N ARG B 318 -5.90 -4.62 22.39
CA ARG B 318 -6.90 -5.60 22.82
C ARG B 318 -7.56 -6.30 21.64
N ALA B 319 -7.89 -5.54 20.60
CA ALA B 319 -8.53 -6.09 19.40
C ALA B 319 -7.60 -7.01 18.65
N TYR B 320 -6.35 -6.59 18.46
CA TYR B 320 -5.40 -7.41 17.71
C TYR B 320 -5.09 -8.75 18.41
N VAL B 321 -5.16 -8.78 19.72
CA VAL B 321 -5.00 -10.03 20.47
C VAL B 321 -6.27 -10.88 20.39
N ALA B 322 -7.40 -10.29 20.78
CA ALA B 322 -8.65 -11.04 20.96
C ALA B 322 -9.22 -11.57 19.65
N LYS B 323 -9.41 -10.67 18.69
CA LYS B 323 -10.05 -11.01 17.41
C LYS B 323 -9.22 -12.02 16.60
N ASN B 324 -7.94 -12.11 16.94
CA ASN B 324 -7.06 -13.10 16.34
C ASN B 324 -6.91 -14.40 17.13
N GLY B 325 -7.76 -14.57 18.15
CA GLY B 325 -7.87 -15.83 18.88
C GLY B 325 -6.72 -16.08 19.85
N PHE B 326 -6.04 -15.01 20.25
CA PHE B 326 -4.95 -15.08 21.21
C PHE B 326 -5.44 -14.60 22.57
N ARG B 327 -4.68 -14.95 23.60
CA ARG B 327 -5.06 -14.60 24.96
C ARG B 327 -3.97 -13.78 25.63
N SER B 328 -2.73 -14.04 25.27
CA SER B 328 -1.59 -13.49 26.00
C SER B 328 -0.52 -12.90 25.10
N VAL B 329 0.31 -12.02 25.67
CA VAL B 329 1.39 -11.37 24.91
C VAL B 329 2.75 -11.50 25.57
N LEU B 330 3.80 -11.42 24.77
CA LEU B 330 5.18 -11.45 25.26
C LEU B 330 5.90 -10.13 24.94
N ILE B 331 6.38 -9.46 25.97
CA ILE B 331 7.08 -8.17 25.83
C ILE B 331 8.48 -8.28 26.43
N GLY B 332 9.50 -7.95 25.64
CA GLY B 332 10.88 -7.90 26.12
C GLY B 332 11.08 -6.66 26.98
N LEU B 333 11.79 -6.82 28.09
CA LEU B 333 11.94 -5.74 29.07
C LEU B 333 13.39 -5.37 29.32
N SER B 334 13.73 -4.15 28.93
N SER B 334 13.77 -4.15 28.97
CA SER B 334 14.95 -3.50 29.38
CA SER B 334 15.18 -3.73 29.07
C SER B 334 14.53 -2.56 30.49
C SER B 334 15.43 -2.54 30.01
N GLY B 335 15.41 -1.63 30.86
N GLY B 335 14.39 -2.13 30.73
CA GLY B 335 15.02 -0.62 31.82
CA GLY B 335 14.51 -1.03 31.69
C GLY B 335 14.15 0.47 31.21
C GLY B 335 13.96 0.29 31.17
N GLY B 336 14.13 0.53 29.87
CA GLY B 336 13.60 1.69 29.16
C GLY B 336 12.12 2.00 29.27
N ILE B 337 11.80 3.25 28.98
CA ILE B 337 10.47 3.81 29.15
C ILE B 337 9.44 3.18 28.19
N ASP B 338 9.87 2.88 26.97
CA ASP B 338 9.00 2.30 25.94
C ASP B 338 8.48 0.91 26.33
N SER B 339 9.38 0.05 26.80
CA SER B 339 9.03 -1.31 27.23
C SER B 339 8.09 -1.30 28.43
N ALA B 340 8.24 -0.31 29.29
CA ALA B 340 7.41 -0.15 30.48
C ALA B 340 6.01 0.31 30.14
N LEU B 341 5.90 1.26 29.21
CA LEU B 341 4.59 1.77 28.77
C LEU B 341 3.81 0.73 27.99
N VAL B 342 4.52 -0.05 27.17
CA VAL B 342 3.90 -1.16 26.45
C VAL B 342 3.33 -2.17 27.44
N ALA B 343 4.14 -2.53 28.45
CA ALA B 343 3.71 -3.43 29.52
C ALA B 343 2.47 -2.89 30.24
N ALA B 344 2.49 -1.59 30.55
CA ALA B 344 1.37 -0.91 31.17
C ALA B 344 0.09 -0.99 30.33
N ILE B 345 0.22 -0.74 29.02
CA ILE B 345 -0.92 -0.78 28.08
C ILE B 345 -1.47 -2.20 27.95
N ALA B 346 -0.56 -3.18 27.83
CA ALA B 346 -0.94 -4.60 27.75
C ALA B 346 -1.72 -5.08 28.98
N CYS B 347 -1.30 -4.61 30.15
CA CYS B 347 -1.94 -4.99 31.41
C CYS B 347 -3.34 -4.42 31.52
N ASP B 348 -3.51 -3.21 31.00
CA ASP B 348 -4.83 -2.59 30.97
C ASP B 348 -5.73 -3.28 29.93
N ALA B 349 -5.13 -3.74 28.84
CA ALA B 349 -5.89 -4.34 27.75
C ALA B 349 -6.32 -5.78 28.04
N LEU B 350 -5.42 -6.58 28.61
CA LEU B 350 -5.62 -8.01 28.71
C LEU B 350 -5.76 -8.54 30.14
N GLY B 351 -5.50 -7.69 31.12
CA GLY B 351 -5.27 -8.13 32.49
C GLY B 351 -3.79 -8.47 32.62
N ALA B 352 -3.21 -8.16 33.78
CA ALA B 352 -1.78 -8.40 34.04
C ALA B 352 -1.37 -9.87 34.02
N GLN B 353 -2.33 -10.77 34.27
CA GLN B 353 -2.10 -12.23 34.23
C GLN B 353 -1.69 -12.67 32.82
N ASN B 354 -2.30 -12.03 31.82
CA ASN B 354 -2.06 -12.38 30.42
C ASN B 354 -0.89 -11.64 29.78
N VAL B 355 -0.05 -11.03 30.62
CA VAL B 355 1.11 -10.28 30.14
C VAL B 355 2.39 -10.96 30.65
N TYR B 356 3.29 -11.27 29.73
CA TYR B 356 4.50 -12.03 30.05
C TYR B 356 5.74 -11.24 29.66
N GLY B 357 6.53 -10.84 30.66
CA GLY B 357 7.73 -10.03 30.44
C GLY B 357 9.01 -10.82 30.56
N VAL B 358 10.00 -10.46 29.74
CA VAL B 358 11.30 -11.17 29.72
C VAL B 358 12.47 -10.20 29.66
N SER B 359 13.31 -10.21 30.69
CA SER B 359 14.55 -9.44 30.70
C SER B 359 15.67 -10.24 30.04
N MET B 360 16.35 -9.63 29.06
CA MET B 360 17.36 -10.33 28.28
C MET B 360 18.75 -9.66 28.32
N PRO B 361 19.49 -9.83 29.43
CA PRO B 361 20.75 -9.11 29.65
C PRO B 361 21.95 -9.72 28.93
N SER B 362 22.91 -8.86 28.59
CA SER B 362 24.13 -9.28 27.90
C SER B 362 25.35 -9.24 28.83
N LYS B 363 26.54 -9.26 28.24
CA LYS B 363 27.82 -9.26 28.97
C LYS B 363 28.06 -7.99 29.80
N TYR B 364 27.70 -6.83 29.23
CA TYR B 364 27.74 -5.57 29.95
C TYR B 364 26.35 -4.94 29.86
N SER B 365 25.39 -5.55 30.55
CA SER B 365 24.06 -5.00 30.69
C SER B 365 23.95 -4.46 32.12
N SER B 366 23.60 -3.18 32.22
CA SER B 366 23.61 -2.47 33.50
C SER B 366 22.58 -2.96 34.51
N ASP B 367 22.73 -2.48 35.75
CA ASP B 367 21.92 -2.93 36.87
C ASP B 367 20.53 -2.29 36.90
N HIS B 368 20.41 -1.08 36.38
CA HIS B 368 19.11 -0.42 36.27
C HIS B 368 18.23 -1.07 35.21
N SER B 369 18.86 -1.63 34.17
CA SER B 369 18.17 -2.40 33.14
C SER B 369 17.38 -3.53 33.79
N LYS B 370 18.09 -4.36 34.54
CA LYS B 370 17.51 -5.49 35.25
C LYS B 370 16.57 -5.03 36.37
N GLY B 371 17.04 -4.04 37.14
CA GLY B 371 16.33 -3.54 38.31
C GLY B 371 14.97 -2.95 38.01
N ASP B 372 14.91 -2.11 36.98
CA ASP B 372 13.66 -1.47 36.59
C ASP B 372 12.71 -2.42 35.86
N ALA B 373 13.27 -3.41 35.18
CA ALA B 373 12.49 -4.49 34.56
C ALA B 373 11.80 -5.31 35.65
N ALA B 374 12.56 -5.63 36.70
CA ALA B 374 12.05 -6.39 37.85
C ALA B 374 11.02 -5.60 38.64
N GLU B 375 11.30 -4.31 38.83
CA GLU B 375 10.40 -3.37 39.50
C GLU B 375 9.02 -3.41 38.87
N LEU B 376 9.00 -3.18 37.55
CA LEU B 376 7.80 -3.17 36.72
C LEU B 376 6.90 -4.39 36.95
N ALA B 377 7.50 -5.58 36.99
CA ALA B 377 6.77 -6.84 37.13
C ALA B 377 5.99 -6.97 38.44
N ARG B 378 6.58 -6.47 39.52
CA ARG B 378 5.98 -6.53 40.86
C ARG B 378 4.83 -5.56 41.05
N ARG B 379 5.00 -4.34 40.56
CA ARG B 379 3.96 -3.30 40.70
C ARG B 379 2.92 -3.37 39.57
N THR B 380 2.83 -4.53 38.94
CA THR B 380 1.95 -4.77 37.80
C THR B 380 1.23 -6.11 38.00
N GLY B 381 2.01 -7.15 38.27
CA GLY B 381 1.47 -8.50 38.39
C GLY B 381 1.72 -9.33 37.15
N LEU B 382 2.63 -8.89 36.28
CA LEU B 382 2.94 -9.64 35.07
C LEU B 382 3.89 -10.80 35.37
N ASN B 383 3.91 -11.78 34.48
CA ASN B 383 4.76 -12.94 34.61
C ASN B 383 6.16 -12.61 34.15
N PHE B 384 7.10 -12.58 35.11
CA PHE B 384 8.48 -12.22 34.84
C PHE B 384 9.37 -13.44 34.67
N ARG B 385 10.42 -13.28 33.87
CA ARG B 385 11.50 -14.26 33.75
C ARG B 385 12.73 -13.55 33.18
N THR B 386 13.92 -14.13 33.40
CA THR B 386 15.16 -13.54 32.91
C THR B 386 16.04 -14.59 32.25
N VAL B 387 16.27 -14.44 30.95
CA VAL B 387 17.24 -15.27 30.27
C VAL B 387 18.38 -14.43 29.69
N SER B 388 19.60 -14.80 30.06
CA SER B 388 20.79 -14.13 29.55
C SER B 388 20.99 -14.49 28.08
N ILE B 389 21.47 -13.53 27.31
CA ILE B 389 21.77 -13.76 25.89
C ILE B 389 23.25 -14.06 25.70
N GLU B 390 24.01 -13.94 26.79
CA GLU B 390 25.47 -14.17 26.78
C GLU B 390 25.90 -15.61 26.45
N PRO B 391 25.18 -16.64 26.94
CA PRO B 391 25.46 -17.99 26.43
C PRO B 391 25.40 -18.14 24.90
N MET B 392 24.45 -17.47 24.25
CA MET B 392 24.36 -17.53 22.80
C MET B 392 25.11 -16.43 22.05
N PHE B 393 25.49 -15.36 22.75
CA PHE B 393 26.36 -14.32 22.16
C PHE B 393 27.77 -14.86 21.94
N ASP B 394 28.24 -15.65 22.92
CA ASP B 394 29.58 -16.21 22.88
C ASP B 394 29.74 -17.30 21.83
N ALA B 395 28.66 -18.04 21.57
CA ALA B 395 28.63 -19.08 20.54
C ALA B 395 28.74 -18.51 19.12
N TYR B 396 28.14 -17.33 18.90
CA TYR B 396 28.23 -16.64 17.62
C TYR B 396 29.62 -16.08 17.37
N MET B 397 30.12 -15.31 18.35
CA MET B 397 31.43 -14.66 18.27
C MET B 397 32.59 -15.66 18.22
N ALA B 398 32.33 -16.90 18.64
CA ALA B 398 33.30 -18.00 18.54
C ALA B 398 33.60 -18.37 17.10
N SER B 399 32.58 -18.35 16.24
CA SER B 399 32.71 -18.77 14.86
C SER B 399 32.54 -17.66 13.82
N LEU B 400 32.22 -16.45 14.27
CA LEU B 400 32.04 -15.31 13.38
C LEU B 400 33.07 -14.21 13.61
N GLY B 401 33.26 -13.83 14.87
CA GLY B 401 34.23 -12.80 15.26
C GLY B 401 33.91 -11.45 14.68
N LEU B 402 32.80 -10.88 15.13
CA LEU B 402 32.29 -9.63 14.58
C LEU B 402 32.88 -8.45 15.32
N THR B 403 33.25 -7.41 14.57
CA THR B 403 33.71 -6.16 15.16
C THR B 403 32.51 -5.24 15.41
N GLY B 404 32.79 -4.03 15.91
CA GLY B 404 31.79 -3.05 16.34
C GLY B 404 30.46 -2.99 15.63
N LEU B 405 30.50 -2.89 14.30
CA LEU B 405 29.30 -2.77 13.47
C LEU B 405 28.31 -3.91 13.72
N ALA B 406 28.76 -5.13 13.44
CA ALA B 406 27.92 -6.32 13.50
C ALA B 406 27.63 -6.82 14.91
N GLU B 407 28.62 -6.74 15.80
CA GLU B 407 28.49 -7.31 17.13
C GLU B 407 27.54 -6.56 18.06
N GLU B 408 27.31 -5.28 17.77
CA GLU B 408 26.27 -4.53 18.45
C GLU B 408 24.88 -4.94 17.97
N ASN B 409 24.74 -5.10 16.65
CA ASN B 409 23.48 -5.52 16.04
C ASN B 409 23.08 -6.96 16.40
N LEU B 410 24.10 -7.81 16.55
CA LEU B 410 23.93 -9.20 16.94
C LEU B 410 23.08 -9.33 18.20
N GLN B 411 23.36 -8.49 19.18
CA GLN B 411 22.62 -8.45 20.45
C GLN B 411 21.12 -8.22 20.28
N SER B 412 20.74 -7.35 19.34
CA SER B 412 19.33 -7.07 19.08
C SER B 412 18.63 -8.28 18.43
N ARG B 413 19.32 -8.92 17.51
CA ARG B 413 18.79 -10.11 16.83
C ARG B 413 18.68 -11.32 17.76
N LEU B 414 19.63 -11.45 18.68
CA LEU B 414 19.63 -12.52 19.69
C LEU B 414 18.39 -12.45 20.59
N ARG B 415 18.06 -11.23 21.02
CA ARG B 415 16.85 -10.96 21.81
C ARG B 415 15.57 -11.25 21.04
N GLY B 416 15.59 -10.96 19.73
CA GLY B 416 14.43 -11.23 18.87
C GLY B 416 14.14 -12.71 18.72
N THR B 417 15.20 -13.47 18.46
CA THR B 417 15.14 -14.94 18.36
C THR B 417 14.57 -15.56 19.62
N THR B 418 15.03 -15.08 20.77
CA THR B 418 14.57 -15.50 22.08
C THR B 418 13.07 -15.28 22.22
N LEU B 419 12.64 -14.04 21.96
CA LEU B 419 11.23 -13.65 22.07
C LEU B 419 10.33 -14.52 21.19
N MET B 420 10.77 -14.72 19.95
CA MET B 420 9.98 -15.50 18.99
C MET B 420 9.92 -16.97 19.38
N ALA B 421 11.00 -17.50 19.93
CA ALA B 421 11.07 -18.89 20.36
C ALA B 421 10.11 -19.18 21.52
N ILE B 422 10.15 -18.33 22.53
CA ILE B 422 9.26 -18.43 23.69
C ILE B 422 7.79 -18.32 23.28
N SER B 423 7.50 -17.38 22.37
CA SER B 423 6.13 -17.20 21.88
C SER B 423 5.69 -18.38 21.02
N ASN B 424 6.62 -18.92 20.22
CA ASN B 424 6.40 -20.15 19.47
C ASN B 424 6.09 -21.33 20.38
N GLN B 425 6.85 -21.44 21.47
CA GLN B 425 6.60 -22.42 22.52
C GLN B 425 5.27 -22.23 23.24
N GLU B 426 5.00 -21.01 23.68
CA GLU B 426 3.95 -20.79 24.68
C GLU B 426 2.64 -20.19 24.18
N GLY B 427 2.63 -19.63 22.96
CA GLY B 427 1.39 -19.12 22.35
C GLY B 427 1.08 -17.65 22.63
N HIS B 428 2.11 -16.87 22.91
CA HIS B 428 1.96 -15.44 23.07
C HIS B 428 2.16 -14.74 21.72
N ILE B 429 1.69 -13.50 21.63
CA ILE B 429 2.04 -12.60 20.55
C ILE B 429 3.17 -11.69 21.04
N VAL B 430 4.31 -11.72 20.35
CA VAL B 430 5.39 -10.79 20.65
C VAL B 430 4.96 -9.37 20.30
N LEU B 431 5.27 -8.41 21.17
CA LEU B 431 4.97 -7.00 20.96
C LEU B 431 6.22 -6.16 20.68
N ALA B 432 6.19 -5.39 19.59
CA ALA B 432 7.32 -4.55 19.21
C ALA B 432 7.31 -3.22 19.96
N PRO B 433 8.44 -2.85 20.59
CA PRO B 433 8.46 -1.71 21.49
C PRO B 433 8.87 -0.36 20.89
N GLY B 434 8.97 -0.28 19.57
CA GLY B 434 9.47 0.94 18.91
C GLY B 434 8.47 2.07 18.85
N ASN B 435 8.97 3.30 18.94
CA ASN B 435 8.11 4.48 18.88
C ASN B 435 8.25 5.23 17.56
N LYS B 436 7.33 6.17 17.30
CA LYS B 436 7.31 6.95 16.07
C LYS B 436 8.61 7.69 15.78
N SER B 437 9.23 8.23 16.82
CA SER B 437 10.50 8.96 16.69
C SER B 437 11.67 8.08 16.24
N GLU B 438 11.76 6.89 16.84
CA GLU B 438 12.74 5.87 16.46
C GLU B 438 12.49 5.31 15.05
N LEU B 439 11.22 5.05 14.74
CA LEU B 439 10.82 4.50 13.45
C LEU B 439 11.04 5.45 12.29
N ALA B 440 10.85 6.74 12.53
CA ALA B 440 11.07 7.77 11.53
C ALA B 440 12.54 7.88 11.15
N VAL B 441 13.40 7.77 12.16
CA VAL B 441 14.84 7.96 12.02
C VAL B 441 15.54 6.67 11.58
N GLY B 442 15.02 5.53 12.04
CA GLY B 442 15.55 4.23 11.69
C GLY B 442 16.49 3.65 12.73
N TYR B 443 16.19 3.85 14.00
CA TYR B 443 17.01 3.29 15.05
C TYR B 443 16.41 2.03 15.62
N SER B 444 17.17 1.34 16.45
CA SER B 444 16.72 0.12 17.10
C SER B 444 17.75 -0.43 18.08
N SER B 450 11.73 -4.54 17.94
CA SER B 450 12.53 -4.82 16.76
C SER B 450 11.78 -5.74 15.78
N VAL B 451 11.40 -6.92 16.27
CA VAL B 451 10.50 -7.85 15.55
C VAL B 451 9.33 -8.20 16.47
N GLY B 452 8.21 -8.62 15.88
CA GLY B 452 7.01 -8.95 16.63
C GLY B 452 5.80 -8.87 15.72
N ALA B 453 4.63 -9.07 16.29
CA ALA B 453 3.40 -9.09 15.51
C ALA B 453 2.69 -7.74 15.53
N TYR B 454 2.80 -7.03 16.66
CA TYR B 454 2.13 -5.74 16.83
C TYR B 454 3.03 -4.75 17.54
N GLY B 455 2.91 -3.48 17.16
CA GLY B 455 3.69 -2.40 17.76
C GLY B 455 2.75 -1.37 18.36
N PRO B 456 2.48 -1.47 19.68
CA PRO B 456 1.42 -0.68 20.31
C PRO B 456 1.66 0.83 20.32
N ILE B 457 2.91 1.26 20.25
CA ILE B 457 3.26 2.67 20.37
C ILE B 457 4.00 3.21 19.15
N LYS B 458 3.85 2.55 18.00
CA LYS B 458 4.62 2.89 16.81
C LYS B 458 4.21 4.20 16.13
N ASP B 459 3.01 4.71 16.43
CA ASP B 459 2.55 6.00 15.92
C ASP B 459 2.55 7.02 17.06
N VAL B 460 3.45 6.83 18.03
CA VAL B 460 3.54 7.75 19.17
C VAL B 460 4.96 8.29 19.29
N TYR B 461 5.12 9.60 19.27
CA TYR B 461 6.44 10.22 19.44
C TYR B 461 7.00 10.00 20.84
N LYS B 462 8.33 10.06 20.95
CA LYS B 462 9.02 9.85 22.22
C LYS B 462 8.61 10.88 23.28
N THR B 463 8.43 12.13 22.86
CA THR B 463 7.95 13.20 23.74
C THR B 463 6.58 12.86 24.32
N SER B 464 5.75 12.25 23.48
CA SER B 464 4.42 11.83 23.89
CA SER B 464 4.43 11.83 23.90
C SER B 464 4.46 10.55 24.73
N ILE B 465 5.55 9.78 24.58
CA ILE B 465 5.72 8.55 25.36
C ILE B 465 5.85 8.87 26.86
N PHE B 466 6.64 9.90 27.19
CA PHE B 466 6.81 10.34 28.58
C PHE B 466 5.51 10.90 29.14
N ARG B 467 4.86 11.73 28.34
CA ARG B 467 3.61 12.39 28.71
C ARG B 467 2.52 11.38 29.06
N LEU B 468 2.43 10.32 28.26
CA LEU B 468 1.50 9.23 28.50
C LEU B 468 1.88 8.37 29.71
N ALA B 469 3.19 8.14 29.88
CA ALA B 469 3.72 7.35 31.00
C ALA B 469 3.43 8.00 32.36
N GLU B 470 3.75 9.29 32.45
CA GLU B 470 3.49 10.09 33.64
C GLU B 470 1.99 10.22 33.94
N TRP B 471 1.17 10.29 32.89
CA TRP B 471 -0.28 10.31 33.07
C TRP B 471 -0.81 9.03 33.73
N ARG B 472 -0.20 7.89 33.40
CA ARG B 472 -0.71 6.60 33.88
C ARG B 472 -0.44 6.35 35.37
N ASN B 473 0.72 6.80 35.85
CA ASN B 473 1.02 6.84 37.27
C ASN B 473 0.07 7.79 38.01
N ARG B 474 -0.11 8.97 37.43
CA ARG B 474 -1.06 9.96 37.93
C ARG B 474 -2.50 9.44 37.95
N ALA B 475 -2.82 8.51 37.05
CA ALA B 475 -4.13 7.87 37.01
C ALA B 475 -4.30 6.85 38.14
N ALA B 476 -3.25 6.05 38.35
CA ALA B 476 -3.23 5.04 39.41
C ALA B 476 -3.40 5.68 40.80
N ALA B 477 -2.60 6.72 41.06
CA ALA B 477 -2.64 7.46 42.32
C ALA B 477 -3.94 8.20 42.56
N GLU B 478 -4.68 8.52 41.50
CA GLU B 478 -5.98 9.19 41.62
C GLU B 478 -7.13 8.24 41.98
N ARG B 479 -6.84 6.95 42.11
CA ARG B 479 -7.81 5.98 42.61
C ARG B 479 -7.22 5.00 43.62
N GLY B 480 -6.04 5.34 44.13
CA GLY B 480 -5.40 4.57 45.19
C GLY B 480 -4.84 3.26 44.71
N GLN B 481 -4.31 3.26 43.50
CA GLN B 481 -3.66 2.09 42.94
C GLN B 481 -2.17 2.35 42.77
N THR B 482 -1.39 1.28 42.75
CA THR B 482 0.06 1.36 42.63
C THR B 482 0.51 1.80 41.22
N PRO B 483 1.28 2.91 41.13
CA PRO B 483 1.81 3.47 39.86
C PRO B 483 2.65 2.46 39.08
N PRO B 484 2.15 2.00 37.91
CA PRO B 484 2.68 0.81 37.21
C PRO B 484 4.05 1.01 36.59
N ILE B 485 4.30 2.21 36.09
CA ILE B 485 5.57 2.51 35.43
C ILE B 485 6.54 3.08 36.47
N PRO B 486 7.69 2.41 36.65
CA PRO B 486 8.78 2.81 37.55
C PRO B 486 9.24 4.23 37.25
N GLU B 487 9.53 4.98 38.31
CA GLU B 487 9.82 6.40 38.20
C GLU B 487 11.20 6.62 37.58
N ALA B 488 12.10 5.67 37.85
CA ALA B 488 13.45 5.67 37.28
C ALA B 488 13.44 5.32 35.79
N SER B 489 12.43 4.56 35.36
CA SER B 489 12.23 4.26 33.93
C SER B 489 11.88 5.52 33.14
N ILE B 490 11.04 6.37 33.75
CA ILE B 490 10.66 7.66 33.18
C ILE B 490 11.85 8.64 33.16
N THR B 491 12.68 8.59 34.19
CA THR B 491 13.72 9.61 34.39
C THR B 491 15.15 9.18 34.09
N LYS B 492 15.31 8.16 33.23
CA LYS B 492 16.63 7.75 32.72
C LYS B 492 17.25 8.80 31.80
N PRO B 509 20.27 15.56 17.79
CA PRO B 509 19.01 16.16 18.24
C PRO B 509 18.52 15.59 19.56
N ASP B 510 18.18 16.47 20.50
CA ASP B 510 17.46 16.07 21.70
C ASP B 510 16.01 15.82 21.30
N TYR B 511 15.38 14.86 21.98
CA TYR B 511 14.01 14.42 21.67
C TYR B 511 12.91 15.46 21.45
N PRO B 512 12.82 16.53 22.29
CA PRO B 512 11.69 17.44 22.03
C PRO B 512 11.87 18.33 20.80
N VAL B 513 13.11 18.63 20.42
CA VAL B 513 13.36 19.38 19.20
C VAL B 513 13.23 18.42 18.02
N LEU B 514 13.72 17.21 18.21
CA LEU B 514 13.64 16.16 17.21
C LEU B 514 12.20 15.93 16.78
N ASP B 515 11.34 15.69 17.77
CA ASP B 515 9.92 15.42 17.54
C ASP B 515 9.16 16.59 16.95
N ALA B 516 9.58 17.81 17.26
CA ALA B 516 9.03 19.02 16.67
C ALA B 516 9.33 19.11 15.17
N ILE B 517 10.54 18.68 14.80
CA ILE B 517 10.98 18.63 13.41
C ILE B 517 10.28 17.51 12.64
N LEU B 518 10.22 16.33 13.26
CA LEU B 518 9.50 15.20 12.70
C LEU B 518 8.03 15.54 12.45
N GLU B 519 7.39 16.20 13.41
CA GLU B 519 6.00 16.58 13.26
C GLU B 519 5.80 17.56 12.11
N LEU B 520 6.76 18.46 11.92
CA LEU B 520 6.68 19.41 10.83
C LEU B 520 6.83 18.72 9.47
N TYR B 521 7.72 17.75 9.42
CA TYR B 521 8.11 17.08 8.19
C TYR B 521 7.15 15.98 7.80
N VAL B 522 7.03 15.00 8.70
CA VAL B 522 6.18 13.84 8.51
C VAL B 522 4.69 14.19 8.58
N ASP B 523 4.28 14.96 9.58
CA ASP B 523 2.85 15.15 9.83
C ASP B 523 2.20 16.36 9.15
N ARG B 524 2.98 17.41 8.89
CA ARG B 524 2.43 18.64 8.35
C ARG B 524 2.96 18.96 6.95
N ASP B 525 3.71 18.00 6.40
CA ASP B 525 4.27 18.06 5.04
C ASP B 525 5.01 19.34 4.68
N THR B 526 5.79 19.86 5.63
CA THR B 526 6.56 21.09 5.44
C THR B 526 7.99 20.77 5.01
N GLY B 527 8.52 21.57 4.08
CA GLY B 527 9.86 21.35 3.54
C GLY B 527 11.00 21.83 4.43
N ALA B 528 12.22 21.43 4.05
CA ALA B 528 13.44 21.78 4.79
C ALA B 528 13.59 23.27 4.99
N ASP B 529 13.57 24.03 3.89
CA ASP B 529 13.73 25.48 3.90
C ASP B 529 12.74 26.14 4.86
N ALA B 530 11.53 25.59 4.92
CA ALA B 530 10.46 26.15 5.74
C ALA B 530 10.61 25.78 7.23
N ILE B 531 11.09 24.57 7.50
CA ILE B 531 11.46 24.18 8.87
C ILE B 531 12.59 25.07 9.41
N VAL B 532 13.58 25.36 8.57
CA VAL B 532 14.64 26.32 8.88
C VAL B 532 14.05 27.71 9.17
N ALA B 533 13.09 28.11 8.33
CA ALA B 533 12.38 29.38 8.49
C ALA B 533 11.63 29.45 9.82
N ALA B 534 11.05 28.32 10.24
CA ALA B 534 10.31 28.21 11.50
C ALA B 534 11.17 28.44 12.75
N GLY B 535 12.48 28.32 12.59
CA GLY B 535 13.44 28.62 13.65
C GLY B 535 14.47 27.53 13.93
N TYR B 536 14.47 26.45 13.14
CA TYR B 536 15.39 25.34 13.39
C TYR B 536 16.67 25.40 12.57
N ASP B 537 17.72 24.80 13.12
CA ASP B 537 19.06 24.85 12.59
C ASP B 537 19.21 24.01 11.32
N ARG B 538 19.62 24.67 10.24
CA ARG B 538 19.77 24.07 8.92
C ARG B 538 20.55 22.73 8.90
N GLU B 539 21.69 22.68 9.58
CA GLU B 539 22.47 21.44 9.62
C GLU B 539 21.71 20.28 10.29
N LEU B 540 21.02 20.56 11.39
CA LEU B 540 20.26 19.51 12.07
C LEU B 540 19.02 19.09 11.29
N VAL B 541 18.37 20.05 10.63
CA VAL B 541 17.15 19.75 9.87
C VAL B 541 17.50 18.79 8.74
N VAL B 542 18.53 19.16 7.97
CA VAL B 542 18.99 18.37 6.83
C VAL B 542 19.35 16.95 7.24
N LYS B 543 20.18 16.83 8.28
CA LYS B 543 20.59 15.54 8.81
C LYS B 543 19.39 14.66 9.21
N THR B 544 18.39 15.27 9.85
CA THR B 544 17.18 14.57 10.29
C THR B 544 16.35 14.06 9.09
N LEU B 545 16.12 14.94 8.13
CA LEU B 545 15.29 14.64 6.95
C LEU B 545 15.95 13.61 6.06
N ARG B 546 17.28 13.68 5.95
CA ARG B 546 18.06 12.64 5.29
C ARG B 546 17.84 11.28 5.97
N MET B 547 17.98 11.25 7.30
CA MET B 547 17.73 10.03 8.09
C MET B 547 16.34 9.44 7.89
N VAL B 548 15.34 10.31 7.77
CA VAL B 548 13.95 9.86 7.59
C VAL B 548 13.76 9.21 6.22
N ASP B 549 14.25 9.87 5.17
CA ASP B 549 14.15 9.37 3.80
C ASP B 549 14.76 7.98 3.63
N THR B 550 15.93 7.75 4.25
CA THR B 550 16.65 6.47 4.11
C THR B 550 16.17 5.37 5.07
N ALA B 551 15.28 5.73 5.99
CA ALA B 551 14.70 4.76 6.92
C ALA B 551 13.51 4.02 6.32
N GLU B 552 13.21 4.27 5.04
CA GLU B 552 12.07 3.65 4.35
C GLU B 552 12.04 2.12 4.39
N TYR B 553 13.13 1.49 4.00
CA TYR B 553 13.21 0.02 4.00
C TYR B 553 13.01 -0.59 5.38
N LYS B 554 13.39 0.14 6.43
CA LYS B 554 13.17 -0.31 7.80
C LYS B 554 11.69 -0.30 8.16
N ARG B 555 11.02 0.82 7.93
CA ARG B 555 9.61 0.93 8.30
C ARG B 555 8.63 0.20 7.39
N ARG B 556 9.14 -0.40 6.33
CA ARG B 556 8.32 -1.21 5.44
C ARG B 556 8.15 -2.61 5.99
N GLN B 557 9.20 -3.13 6.61
CA GLN B 557 9.20 -4.48 7.17
C GLN B 557 8.87 -4.47 8.66
N TYR B 558 8.31 -3.35 9.14
CA TYR B 558 7.93 -3.22 10.54
C TYR B 558 6.49 -3.71 10.74
N PRO B 559 6.21 -4.39 11.87
CA PRO B 559 4.88 -4.89 12.22
C PRO B 559 3.80 -3.81 12.24
N PRO B 560 2.52 -4.20 12.13
CA PRO B 560 1.40 -3.28 12.30
C PRO B 560 1.32 -2.66 13.70
N GLY B 561 0.55 -1.59 13.82
CA GLY B 561 0.39 -0.91 15.08
C GLY B 561 -0.58 0.23 14.98
N THR B 562 -1.16 0.59 16.13
CA THR B 562 -2.22 1.57 16.24
C THR B 562 -1.85 2.94 15.65
N LYS B 563 -2.70 3.44 14.76
CA LYS B 563 -2.54 4.79 14.22
C LYS B 563 -3.36 5.78 15.04
N ILE B 564 -2.76 6.92 15.37
CA ILE B 564 -3.48 7.99 16.09
C ILE B 564 -3.59 9.28 15.28
N SER B 565 -2.95 9.32 14.12
CA SER B 565 -3.03 10.45 13.21
C SER B 565 -3.27 9.94 11.80
N ALA B 566 -4.22 10.56 11.09
CA ALA B 566 -4.56 10.13 9.72
C ALA B 566 -3.45 10.47 8.73
N LYS B 567 -2.80 11.61 8.95
CA LYS B 567 -1.63 12.01 8.18
C LYS B 567 -0.37 11.78 9.01
N GLY B 568 0.31 10.68 8.71
CA GLY B 568 1.59 10.33 9.33
C GLY B 568 2.27 9.27 8.48
N PHE B 569 2.72 8.19 9.11
CA PHE B 569 3.20 7.03 8.37
C PHE B 569 2.03 6.11 8.03
N GLY B 570 2.27 5.22 7.05
CA GLY B 570 1.24 4.31 6.56
C GLY B 570 1.64 3.80 5.19
N LYS B 571 0.70 3.13 4.54
CA LYS B 571 0.97 2.48 3.25
C LYS B 571 0.52 3.41 2.11
N ASP B 572 -0.39 4.31 2.46
CA ASP B 572 -0.94 5.34 1.57
C ASP B 572 0.16 6.25 1.04
N ARG B 573 1.01 6.74 1.95
CA ARG B 573 2.12 7.61 1.62
C ARG B 573 3.44 6.85 1.82
N ARG B 574 4.24 6.74 0.76
CA ARG B 574 5.55 6.09 0.85
C ARG B 574 6.60 6.57 -0.17
N LEU B 575 7.86 6.33 0.16
CA LEU B 575 8.98 6.75 -0.69
C LEU B 575 9.59 5.54 -1.33
N PRO B 576 10.34 5.73 -2.43
CA PRO B 576 11.03 4.58 -2.99
C PRO B 576 12.20 4.18 -2.10
N ILE B 577 12.57 2.91 -2.12
CA ILE B 577 13.76 2.47 -1.39
C ILE B 577 14.99 2.88 -2.19
N THR B 578 15.07 2.40 -3.44
CA THR B 578 16.06 2.92 -4.38
C THR B 578 15.74 4.38 -4.67
N ASN B 579 16.61 5.26 -4.18
CA ASN B 579 16.33 6.70 -4.14
C ASN B 579 17.61 7.48 -3.88
N ARG B 580 18.16 8.08 -4.93
CA ARG B 580 19.39 8.86 -4.76
CA ARG B 580 19.39 8.87 -4.83
C ARG B 580 19.13 10.36 -4.55
N TRP B 581 17.88 10.70 -4.29
CA TRP B 581 17.55 12.07 -3.91
C TRP B 581 17.96 12.34 -2.47
N ARG B 582 18.63 13.46 -2.28
CA ARG B 582 19.03 13.94 -0.96
C ARG B 582 18.43 15.31 -0.76
N GLU B 583 17.67 15.42 0.32
CA GLU B 583 17.05 16.69 0.71
C GLU B 583 18.13 17.61 1.29
N GLY B 584 18.10 18.89 0.95
CA GLY B 584 19.15 19.83 1.38
C GLY B 584 20.23 20.03 0.35
N HIS B 585 20.92 21.16 0.42
CA HIS B 585 21.90 21.56 -0.59
C HIS B 585 23.27 20.95 -0.31
#